data_2KP8
#
_entry.id   2KP8
#
loop_
_entity.id
_entity.type
_entity.pdbx_description
1 polymer 'Model peptide'
2 non-polymer "5-{[(4'-methoxybiphenyl-4-yl)methyl][(1S)-1,2,3,4-tetrahydronaphthalen-1-yl]carbamoyl}benzene-1,2,4-tricarboxylic acid"
#
_entity_poly.entity_id   1
_entity_poly.type   'polypeptide(L)'
_entity_poly.pdbx_seq_one_letter_code
;TSLIHSLIEESQNQQEKNEQELLELDGDGPQLLSGIVQQQNNLLRAIEAQQHLLQLTVWGIKQLQARILAVE
;
_entity_poly.pdbx_strand_id   A,B,C
#
# COMPACT_ATOMS: atom_id res chain seq x y z
N THR A 1 5.99 14.98 -8.82
CA THR A 1 4.94 14.11 -8.26
C THR A 1 4.98 12.68 -8.82
N SER A 2 5.80 12.39 -9.85
CA SER A 2 5.91 11.11 -10.56
C SER A 2 4.52 10.71 -11.11
N LEU A 3 4.13 9.43 -10.99
CA LEU A 3 2.73 9.02 -10.91
C LEU A 3 2.37 9.00 -9.41
N ILE A 4 3.05 8.11 -8.68
CA ILE A 4 2.82 7.63 -7.30
C ILE A 4 2.32 8.68 -6.30
N HIS A 5 3.00 9.84 -6.23
CA HIS A 5 2.84 10.81 -5.16
C HIS A 5 1.52 11.58 -5.28
N SER A 6 0.92 11.63 -6.48
CA SER A 6 -0.37 12.30 -6.69
C SER A 6 -1.51 11.55 -5.98
N LEU A 7 -1.49 10.22 -6.01
CA LEU A 7 -2.47 9.35 -5.35
C LEU A 7 -2.28 9.42 -3.83
N ILE A 8 -1.02 9.41 -3.37
CA ILE A 8 -0.64 9.53 -1.96
C ILE A 8 -1.03 10.93 -1.42
N GLU A 9 -0.82 12.00 -2.19
CA GLU A 9 -1.21 13.37 -1.88
C GLU A 9 -2.73 13.53 -1.73
N GLU A 10 -3.50 12.97 -2.66
CA GLU A 10 -4.96 12.99 -2.63
C GLU A 10 -5.50 12.08 -1.50
N SER A 11 -4.81 10.97 -1.17
CA SER A 11 -5.08 10.14 -0.01
C SER A 11 -4.82 10.95 1.28
N GLN A 12 -3.67 11.64 1.38
CA GLN A 12 -3.28 12.46 2.53
C GLN A 12 -4.29 13.58 2.79
N ASN A 13 -4.70 14.30 1.74
CA ASN A 13 -5.76 15.33 1.80
C ASN A 13 -7.13 14.75 2.23
N GLN A 14 -7.37 13.47 1.95
CA GLN A 14 -8.57 12.75 2.37
C GLN A 14 -8.53 12.41 3.87
N GLN A 15 -7.34 12.23 4.49
CA GLN A 15 -7.24 11.97 5.93
C GLN A 15 -7.71 13.19 6.75
N GLU A 16 -7.40 14.41 6.29
CA GLU A 16 -7.88 15.65 6.90
C GLU A 16 -9.40 15.79 6.74
N LYS A 17 -9.96 15.33 5.61
CA LYS A 17 -11.39 15.28 5.36
C LYS A 17 -12.06 14.25 6.30
N ASN A 18 -11.48 13.06 6.43
CA ASN A 18 -12.02 11.94 7.19
C ASN A 18 -11.91 12.20 8.71
N GLU A 19 -10.84 12.85 9.17
CA GLU A 19 -10.67 13.26 10.57
C GLU A 19 -11.67 14.36 10.96
N GLN A 20 -11.92 15.38 10.10
CA GLN A 20 -12.89 16.44 10.42
C GLN A 20 -14.33 15.90 10.33
N GLU A 21 -14.61 14.94 9.45
CA GLU A 21 -15.87 14.20 9.37
C GLU A 21 -16.08 13.38 10.67
N LEU A 22 -15.05 12.67 11.15
CA LEU A 22 -15.09 11.91 12.40
C LEU A 22 -15.19 12.82 13.64
N LEU A 23 -14.63 14.04 13.59
CA LEU A 23 -14.74 15.04 14.66
C LEU A 23 -16.15 15.65 14.71
N GLU A 24 -16.80 15.83 13.54
CA GLU A 24 -18.16 16.31 13.42
C GLU A 24 -19.16 15.21 13.84
N LEU A 25 -18.99 14.00 13.30
CA LEU A 25 -19.85 12.83 13.51
C LEU A 25 -19.20 11.92 14.56
N ASP A 26 -18.83 12.51 15.71
CA ASP A 26 -18.10 11.85 16.80
C ASP A 26 -19.04 11.04 17.71
N GLY A 27 -20.36 11.24 17.59
CA GLY A 27 -21.39 10.66 18.45
C GLY A 27 -22.37 9.78 17.69
N ASP A 28 -22.08 9.42 16.44
CA ASP A 28 -22.93 8.61 15.56
C ASP A 28 -22.03 7.76 14.66
N GLY A 29 -22.48 6.53 14.35
CA GLY A 29 -21.78 5.56 13.55
C GLY A 29 -21.30 4.37 14.41
N PRO A 30 -20.80 3.28 13.78
CA PRO A 30 -20.20 2.16 14.51
C PRO A 30 -18.80 2.55 15.03
N GLN A 31 -18.42 2.04 16.22
CA GLN A 31 -17.15 2.29 16.91
C GLN A 31 -15.93 1.93 16.04
N LEU A 32 -16.11 0.91 15.19
CA LEU A 32 -15.26 0.42 14.10
C LEU A 32 -14.72 1.56 13.22
N LEU A 33 -15.56 2.54 12.88
CA LEU A 33 -15.27 3.65 11.98
C LEU A 33 -14.15 4.55 12.54
N SER A 34 -14.11 4.73 13.87
CA SER A 34 -13.07 5.51 14.56
C SER A 34 -11.70 4.79 14.58
N GLY A 35 -11.66 3.49 14.24
CA GLY A 35 -10.45 2.68 14.17
C GLY A 35 -9.98 2.59 12.73
N ILE A 36 -10.92 2.50 11.76
CA ILE A 36 -10.70 2.59 10.32
C ILE A 36 -9.96 3.87 9.92
N VAL A 37 -10.43 5.06 10.36
CA VAL A 37 -9.83 6.38 10.06
C VAL A 37 -8.33 6.47 10.42
N GLN A 38 -7.94 5.79 11.51
CA GLN A 38 -6.55 5.69 11.97
C GLN A 38 -5.81 4.55 11.23
N GLN A 39 -6.46 3.41 10.99
CA GLN A 39 -5.84 2.24 10.38
C GLN A 39 -5.57 2.46 8.88
N GLN A 40 -6.45 3.18 8.17
CA GLN A 40 -6.25 3.55 6.77
C GLN A 40 -5.11 4.56 6.61
N ASN A 41 -4.79 5.35 7.66
CA ASN A 41 -3.61 6.22 7.72
C ASN A 41 -2.35 5.38 7.94
N ASN A 42 -2.42 4.28 8.70
CA ASN A 42 -1.31 3.32 8.84
C ASN A 42 -1.07 2.55 7.53
N LEU A 43 -2.11 2.34 6.72
CA LEU A 43 -2.03 1.79 5.36
C LEU A 43 -1.36 2.82 4.43
N LEU A 44 -1.76 4.10 4.49
CA LEU A 44 -1.19 5.23 3.76
C LEU A 44 0.30 5.39 4.07
N ARG A 45 0.64 5.37 5.36
CA ARG A 45 1.99 5.40 5.91
C ARG A 45 2.84 4.20 5.42
N ALA A 46 2.25 3.01 5.33
CA ALA A 46 2.90 1.82 4.80
C ALA A 46 3.14 1.94 3.28
N ILE A 47 2.16 2.41 2.51
CA ILE A 47 2.27 2.75 1.09
C ILE A 47 3.40 3.78 0.84
N GLU A 48 3.43 4.87 1.62
CA GLU A 48 4.45 5.92 1.56
C GLU A 48 5.85 5.38 1.93
N ALA A 49 5.95 4.57 2.99
CA ALA A 49 7.19 3.91 3.39
C ALA A 49 7.69 2.93 2.34
N GLN A 50 6.80 2.12 1.75
CA GLN A 50 7.12 1.25 0.62
C GLN A 50 7.53 2.07 -0.61
N GLN A 51 6.85 3.18 -0.93
CA GLN A 51 7.26 4.12 -1.97
C GLN A 51 8.68 4.69 -1.74
N HIS A 52 9.04 5.02 -0.50
CA HIS A 52 10.39 5.46 -0.15
C HIS A 52 11.44 4.33 -0.33
N LEU A 53 11.06 3.07 -0.11
CA LEU A 53 11.90 1.91 -0.41
C LEU A 53 11.99 1.65 -1.93
N LEU A 54 10.92 1.90 -2.72
CA LEU A 54 10.95 1.86 -4.19
C LEU A 54 11.92 2.95 -4.75
N GLN A 55 11.93 4.14 -4.13
CA GLN A 55 12.88 5.22 -4.43
C GLN A 55 14.32 4.77 -4.10
N LEU A 56 14.51 4.09 -2.97
CA LEU A 56 15.81 3.60 -2.51
C LEU A 56 16.36 2.50 -3.44
N THR A 57 15.54 1.55 -3.90
CA THR A 57 16.00 0.49 -4.80
C THR A 57 16.31 1.03 -6.21
N VAL A 58 15.45 1.90 -6.78
CA VAL A 58 15.67 2.43 -8.12
C VAL A 58 16.84 3.44 -8.14
N TRP A 59 17.12 4.12 -7.02
CA TRP A 59 18.35 4.89 -6.78
C TRP A 59 19.55 3.93 -6.69
N GLY A 60 19.48 2.95 -5.78
CA GLY A 60 20.39 1.83 -5.60
C GLY A 60 20.91 1.22 -6.91
N ILE A 61 19.98 0.85 -7.80
CA ILE A 61 20.25 0.33 -9.14
C ILE A 61 21.09 1.29 -10.01
N LYS A 62 20.88 2.61 -9.93
CA LYS A 62 21.69 3.60 -10.66
C LYS A 62 23.10 3.70 -10.06
N GLN A 63 23.22 3.65 -8.72
CA GLN A 63 24.50 3.69 -8.01
C GLN A 63 25.32 2.41 -8.27
N LEU A 64 24.67 1.24 -8.31
CA LEU A 64 25.27 -0.03 -8.72
C LEU A 64 25.65 -0.02 -10.21
N GLN A 65 24.77 0.48 -11.09
CA GLN A 65 24.99 0.58 -12.53
C GLN A 65 26.18 1.51 -12.87
N ALA A 66 26.35 2.62 -12.15
CA ALA A 66 27.48 3.53 -12.31
C ALA A 66 28.83 2.86 -12.01
N ARG A 67 28.84 1.87 -11.11
CA ARG A 67 30.02 1.10 -10.75
C ARG A 67 30.20 -0.09 -11.72
N ILE A 68 29.12 -0.77 -12.14
CA ILE A 68 29.16 -1.88 -13.09
C ILE A 68 29.67 -1.41 -14.47
N LEU A 69 29.17 -0.24 -14.94
CA LEU A 69 29.48 0.37 -16.23
C LEU A 69 30.93 0.92 -16.28
N ALA A 70 31.58 1.10 -15.12
CA ALA A 70 32.96 1.53 -15.02
C ALA A 70 33.96 0.36 -15.20
N VAL A 71 33.48 -0.89 -15.27
CA VAL A 71 34.31 -2.10 -15.35
C VAL A 71 33.87 -3.03 -16.50
N GLU A 72 32.57 -3.10 -16.81
CA GLU A 72 32.03 -3.83 -17.97
C GLU A 72 32.44 -3.14 -19.30
N THR B 1 11.67 -3.74 3.38
CA THR B 1 12.43 -4.53 4.36
C THR B 1 12.16 -4.04 5.81
N SER B 2 13.16 -3.85 6.69
CA SER B 2 13.07 -3.61 8.14
C SER B 2 11.89 -2.74 8.62
N LEU B 3 11.81 -1.48 8.16
CA LEU B 3 10.76 -0.53 8.51
C LEU B 3 9.36 -1.00 8.09
N ILE B 4 9.26 -1.63 6.91
CA ILE B 4 8.03 -2.10 6.30
C ILE B 4 7.40 -3.21 7.16
N HIS B 5 8.22 -4.08 7.77
CA HIS B 5 7.77 -5.15 8.67
C HIS B 5 7.19 -4.57 9.98
N SER B 6 7.80 -3.49 10.50
CA SER B 6 7.37 -2.81 11.72
C SER B 6 6.03 -2.06 11.48
N LEU B 7 5.89 -1.39 10.31
CA LEU B 7 4.66 -0.72 9.90
C LEU B 7 3.55 -1.74 9.59
N ILE B 8 3.87 -2.89 8.97
CA ILE B 8 2.99 -4.05 8.83
C ILE B 8 2.50 -4.55 10.20
N GLU B 9 3.40 -4.83 11.14
CA GLU B 9 3.12 -5.29 12.51
C GLU B 9 2.07 -4.44 13.24
N GLU B 10 2.21 -3.11 13.13
CA GLU B 10 1.26 -2.14 13.68
C GLU B 10 -0.06 -2.13 12.87
N SER B 11 0.03 -2.00 11.53
CA SER B 11 -1.12 -1.83 10.64
C SER B 11 -2.00 -3.10 10.60
N GLN B 12 -1.40 -4.30 10.53
CA GLN B 12 -2.10 -5.59 10.50
C GLN B 12 -2.91 -5.80 11.79
N ASN B 13 -2.31 -5.52 12.95
CA ASN B 13 -2.91 -5.63 14.28
C ASN B 13 -4.12 -4.70 14.42
N GLN B 14 -4.03 -3.50 13.84
CA GLN B 14 -5.09 -2.50 13.85
C GLN B 14 -6.21 -2.87 12.84
N GLN B 15 -5.86 -3.50 11.71
CA GLN B 15 -6.82 -4.01 10.73
C GLN B 15 -7.58 -5.22 11.32
N GLU B 16 -6.87 -6.13 12.00
CA GLU B 16 -7.43 -7.25 12.74
C GLU B 16 -8.36 -6.78 13.88
N LYS B 17 -8.07 -5.63 14.51
CA LYS B 17 -8.94 -5.00 15.49
C LYS B 17 -10.24 -4.48 14.84
N ASN B 18 -10.16 -3.93 13.63
CA ASN B 18 -11.34 -3.48 12.86
C ASN B 18 -12.19 -4.67 12.39
N GLU B 19 -11.55 -5.81 12.05
CA GLU B 19 -12.23 -7.08 11.77
C GLU B 19 -12.89 -7.65 13.03
N GLN B 20 -12.22 -7.58 14.19
CA GLN B 20 -12.77 -7.96 15.50
C GLN B 20 -14.01 -7.14 15.84
N GLU B 21 -13.96 -5.82 15.65
CA GLU B 21 -15.08 -4.90 15.90
C GLU B 21 -16.24 -5.17 14.92
N LEU B 22 -15.97 -5.59 13.67
CA LEU B 22 -17.00 -6.01 12.71
C LEU B 22 -17.74 -7.26 13.22
N LEU B 23 -17.00 -8.24 13.74
CA LEU B 23 -17.50 -9.46 14.38
C LEU B 23 -18.13 -9.21 15.77
N GLU B 24 -18.24 -7.95 16.21
CA GLU B 24 -18.98 -7.52 17.39
C GLU B 24 -20.06 -6.47 17.03
N LEU B 25 -20.20 -6.11 15.75
CA LEU B 25 -21.07 -5.05 15.23
C LEU B 25 -21.78 -5.50 13.94
N ASP B 26 -22.14 -6.78 13.87
CA ASP B 26 -22.70 -7.53 12.73
C ASP B 26 -24.09 -7.03 12.28
N GLY B 27 -24.17 -5.78 11.82
CA GLY B 27 -25.39 -5.09 11.40
C GLY B 27 -25.69 -3.87 12.27
N ASP B 28 -24.86 -3.58 13.28
CA ASP B 28 -24.96 -2.44 14.19
C ASP B 28 -24.30 -1.22 13.51
N GLY B 29 -24.91 -0.79 12.40
CA GLY B 29 -24.38 0.19 11.46
C GLY B 29 -24.46 -0.36 10.02
N PRO B 30 -24.06 0.43 9.01
CA PRO B 30 -24.10 0.06 7.58
C PRO B 30 -23.46 -1.31 7.25
N GLN B 31 -24.07 -2.07 6.34
CA GLN B 31 -23.54 -3.33 5.79
C GLN B 31 -22.19 -3.13 5.08
N LEU B 32 -21.94 -1.90 4.61
CA LEU B 32 -20.70 -1.37 4.06
C LEU B 32 -19.48 -1.64 4.94
N LEU B 33 -19.61 -1.68 6.27
CA LEU B 33 -18.52 -1.97 7.19
C LEU B 33 -17.91 -3.37 6.97
N SER B 34 -18.72 -4.35 6.55
CA SER B 34 -18.29 -5.69 6.18
C SER B 34 -17.63 -5.71 4.78
N GLY B 35 -17.62 -4.58 4.07
CA GLY B 35 -17.00 -4.39 2.77
C GLY B 35 -15.76 -3.49 2.89
N ILE B 36 -15.78 -2.53 3.82
CA ILE B 36 -14.68 -1.63 4.17
C ILE B 36 -13.53 -2.41 4.83
N VAL B 37 -13.80 -3.27 5.83
CA VAL B 37 -12.75 -4.09 6.47
C VAL B 37 -12.15 -5.09 5.46
N GLN B 38 -13.00 -5.62 4.58
CA GLN B 38 -12.66 -6.57 3.52
C GLN B 38 -11.84 -5.90 2.40
N GLN B 39 -12.04 -4.60 2.15
CA GLN B 39 -11.22 -3.77 1.26
C GLN B 39 -9.87 -3.46 1.92
N GLN B 40 -9.87 -3.02 3.19
CA GLN B 40 -8.65 -2.75 3.97
C GLN B 40 -7.78 -4.02 4.16
N ASN B 41 -8.40 -5.19 4.30
CA ASN B 41 -7.78 -6.52 4.29
C ASN B 41 -7.07 -6.80 2.96
N ASN B 42 -7.71 -6.53 1.83
CA ASN B 42 -7.13 -6.74 0.49
C ASN B 42 -6.02 -5.73 0.18
N LEU B 43 -6.17 -4.47 0.62
CA LEU B 43 -5.13 -3.45 0.58
C LEU B 43 -3.93 -3.86 1.44
N LEU B 44 -4.16 -4.28 2.69
CA LEU B 44 -3.15 -4.80 3.62
C LEU B 44 -2.39 -5.99 3.01
N ARG B 45 -3.09 -6.97 2.44
CA ARG B 45 -2.50 -8.14 1.79
C ARG B 45 -1.54 -7.79 0.65
N ALA B 46 -1.77 -6.69 -0.09
CA ALA B 46 -0.84 -6.16 -1.08
C ALA B 46 0.45 -5.65 -0.41
N ILE B 47 0.34 -4.90 0.70
CA ILE B 47 1.48 -4.43 1.52
C ILE B 47 2.25 -5.63 2.12
N GLU B 48 1.52 -6.65 2.62
CA GLU B 48 2.05 -7.87 3.23
C GLU B 48 2.84 -8.73 2.22
N ALA B 49 2.42 -8.74 0.96
CA ALA B 49 3.09 -9.45 -0.13
C ALA B 49 4.25 -8.60 -0.69
N GLN B 50 4.07 -7.28 -0.82
CA GLN B 50 5.12 -6.31 -1.15
C GLN B 50 6.32 -6.38 -0.19
N GLN B 51 6.07 -6.77 1.07
CA GLN B 51 7.06 -7.09 2.10
C GLN B 51 8.12 -8.13 1.67
N HIS B 52 7.78 -9.00 0.70
CA HIS B 52 8.66 -10.01 0.11
C HIS B 52 9.27 -9.50 -1.21
N LEU B 53 8.47 -8.84 -2.06
CA LEU B 53 8.92 -8.32 -3.37
C LEU B 53 9.89 -7.15 -3.17
N LEU B 54 9.53 -6.20 -2.31
CA LEU B 54 10.34 -5.09 -1.81
C LEU B 54 11.17 -5.58 -0.61
N GLN B 55 11.82 -6.73 -0.83
CA GLN B 55 12.82 -7.38 -0.01
C GLN B 55 13.76 -8.09 -0.96
N LEU B 56 13.21 -8.82 -1.95
CA LEU B 56 13.91 -9.41 -3.10
C LEU B 56 14.78 -8.36 -3.83
N THR B 57 14.24 -7.17 -4.12
CA THR B 57 14.96 -6.09 -4.79
C THR B 57 16.01 -5.43 -3.86
N VAL B 58 15.61 -5.18 -2.59
CA VAL B 58 16.38 -4.43 -1.60
C VAL B 58 17.60 -5.24 -1.13
N TRP B 59 17.41 -6.52 -0.80
CA TRP B 59 18.52 -7.43 -0.47
C TRP B 59 19.25 -7.86 -1.75
N GLY B 60 18.56 -7.92 -2.89
CA GLY B 60 19.07 -7.94 -4.26
C GLY B 60 20.28 -7.02 -4.48
N ILE B 61 20.10 -5.70 -4.35
CA ILE B 61 21.17 -4.71 -4.50
C ILE B 61 22.27 -4.83 -3.42
N LYS B 62 21.93 -5.20 -2.17
CA LYS B 62 22.90 -5.42 -1.10
C LYS B 62 23.77 -6.68 -1.32
N GLN B 63 23.28 -7.67 -2.08
CA GLN B 63 24.07 -8.81 -2.54
C GLN B 63 24.86 -8.41 -3.80
N LEU B 64 24.21 -7.79 -4.80
CA LEU B 64 24.83 -7.41 -6.07
C LEU B 64 26.01 -6.45 -5.92
N GLN B 65 25.95 -5.47 -5.00
CA GLN B 65 27.07 -4.58 -4.68
C GLN B 65 28.32 -5.33 -4.20
N ALA B 66 28.16 -6.46 -3.50
CA ALA B 66 29.24 -7.31 -3.01
C ALA B 66 29.84 -8.16 -4.15
N ARG B 67 29.06 -8.42 -5.21
CA ARG B 67 29.56 -9.08 -6.42
C ARG B 67 30.38 -8.08 -7.26
N ILE B 68 29.90 -6.82 -7.37
CA ILE B 68 30.60 -5.73 -8.05
C ILE B 68 31.93 -5.42 -7.31
N LEU B 69 31.93 -5.39 -5.96
CA LEU B 69 33.13 -5.21 -5.11
C LEU B 69 34.20 -6.31 -5.26
N ALA B 70 33.94 -7.41 -5.97
CA ALA B 70 34.96 -8.40 -6.33
C ALA B 70 35.85 -7.91 -7.49
N VAL B 71 35.42 -6.87 -8.21
CA VAL B 71 36.09 -6.33 -9.41
C VAL B 71 36.13 -4.79 -9.40
N GLU B 72 35.81 -4.16 -8.26
CA GLU B 72 35.72 -2.71 -8.06
C GLU B 72 36.11 -2.34 -6.62
N THR C 1 4.90 -12.51 -8.03
CA THR C 1 4.43 -11.73 -9.19
C THR C 1 2.94 -12.04 -9.47
N SER C 2 2.61 -13.30 -9.78
CA SER C 2 1.23 -13.78 -9.97
C SER C 2 0.34 -13.57 -8.73
N LEU C 3 0.95 -13.68 -7.55
CA LEU C 3 0.33 -13.44 -6.24
C LEU C 3 -0.01 -11.95 -6.06
N ILE C 4 0.95 -11.01 -6.17
CA ILE C 4 0.68 -9.57 -6.00
C ILE C 4 -0.41 -9.04 -6.97
N HIS C 5 -0.48 -9.58 -8.18
CA HIS C 5 -1.49 -9.26 -9.17
C HIS C 5 -2.88 -9.71 -8.72
N SER C 6 -3.00 -10.94 -8.18
CA SER C 6 -4.22 -11.49 -7.57
C SER C 6 -4.71 -10.61 -6.41
N LEU C 7 -3.81 -10.13 -5.55
CA LEU C 7 -4.13 -9.25 -4.43
C LEU C 7 -4.63 -7.88 -4.92
N ILE C 8 -3.96 -7.31 -5.93
CA ILE C 8 -4.37 -6.08 -6.62
C ILE C 8 -5.74 -6.22 -7.31
N GLU C 9 -5.95 -7.29 -8.11
CA GLU C 9 -7.21 -7.62 -8.79
C GLU C 9 -8.39 -7.76 -7.81
N GLU C 10 -8.15 -8.42 -6.67
CA GLU C 10 -9.10 -8.60 -5.58
C GLU C 10 -9.40 -7.30 -4.84
N SER C 11 -8.39 -6.43 -4.64
CA SER C 11 -8.56 -5.13 -4.03
C SER C 11 -9.32 -4.17 -4.97
N GLN C 12 -9.09 -4.28 -6.29
CA GLN C 12 -9.78 -3.53 -7.35
C GLN C 12 -11.25 -3.98 -7.42
N ASN C 13 -11.52 -5.29 -7.47
CA ASN C 13 -12.84 -5.93 -7.40
C ASN C 13 -13.66 -5.46 -6.20
N GLN C 14 -13.04 -5.52 -5.01
CA GLN C 14 -13.67 -5.14 -3.76
C GLN C 14 -13.87 -3.61 -3.65
N GLN C 15 -13.05 -2.80 -4.31
CA GLN C 15 -13.22 -1.34 -4.40
C GLN C 15 -14.44 -1.02 -5.28
N GLU C 16 -14.56 -1.67 -6.45
CA GLU C 16 -15.73 -1.62 -7.32
C GLU C 16 -17.04 -2.05 -6.64
N LYS C 17 -16.98 -3.00 -5.70
CA LYS C 17 -18.10 -3.45 -4.87
C LYS C 17 -18.47 -2.41 -3.80
N ASN C 18 -17.46 -1.82 -3.14
CA ASN C 18 -17.57 -0.82 -2.09
C ASN C 18 -18.16 0.49 -2.62
N GLU C 19 -17.73 0.95 -3.80
CA GLU C 19 -18.22 2.15 -4.48
C GLU C 19 -19.69 1.95 -4.94
N GLN C 20 -20.04 0.75 -5.43
CA GLN C 20 -21.38 0.38 -5.88
C GLN C 20 -22.39 0.34 -4.72
N GLU C 21 -21.95 -0.22 -3.58
CA GLU C 21 -22.72 -0.28 -2.34
C GLU C 21 -22.86 1.12 -1.70
N LEU C 22 -21.87 2.01 -1.84
CA LEU C 22 -21.98 3.41 -1.43
C LEU C 22 -23.04 4.14 -2.26
N LEU C 23 -23.13 3.82 -3.57
CA LEU C 23 -24.14 4.34 -4.48
C LEU C 23 -25.56 3.86 -4.13
N GLU C 24 -25.69 2.65 -3.57
CA GLU C 24 -26.95 2.03 -3.10
C GLU C 24 -27.62 2.84 -1.98
N LEU C 25 -26.87 3.38 -0.99
CA LEU C 25 -27.42 4.32 0.01
C LEU C 25 -27.33 5.76 -0.57
N ASP C 26 -28.16 6.02 -1.58
CA ASP C 26 -28.36 7.27 -2.31
C ASP C 26 -28.89 8.39 -1.40
N GLY C 27 -27.98 9.12 -0.76
CA GLY C 27 -28.26 10.32 0.02
C GLY C 27 -27.63 10.25 1.40
N ASP C 28 -28.43 10.49 2.43
CA ASP C 28 -28.05 10.55 3.84
C ASP C 28 -27.88 9.12 4.43
N GLY C 29 -27.58 9.05 5.72
CA GLY C 29 -27.21 7.85 6.44
C GLY C 29 -25.93 8.13 7.22
N PRO C 30 -24.83 7.35 7.04
CA PRO C 30 -23.63 7.48 7.86
C PRO C 30 -22.77 8.71 7.56
N GLN C 31 -22.78 9.21 6.32
CA GLN C 31 -22.10 10.42 5.81
C GLN C 31 -20.57 10.24 5.73
N LEU C 32 -19.94 9.97 6.88
CA LEU C 32 -18.50 9.76 7.13
C LEU C 32 -17.90 8.73 6.14
N LEU C 33 -18.70 7.69 5.86
CA LEU C 33 -18.45 6.58 4.95
C LEU C 33 -18.10 7.03 3.52
N SER C 34 -18.62 8.19 3.08
CA SER C 34 -18.33 8.82 1.80
C SER C 34 -16.90 9.42 1.73
N GLY C 35 -16.15 9.38 2.83
CA GLY C 35 -14.73 9.72 2.90
C GLY C 35 -13.90 8.46 3.03
N ILE C 36 -14.37 7.46 3.78
CA ILE C 36 -13.72 6.16 3.97
C ILE C 36 -13.50 5.43 2.64
N VAL C 37 -14.55 5.33 1.82
CA VAL C 37 -14.56 4.72 0.49
C VAL C 37 -13.53 5.38 -0.46
N GLN C 38 -13.46 6.71 -0.42
CA GLN C 38 -12.60 7.51 -1.27
C GLN C 38 -11.15 7.49 -0.77
N GLN C 39 -10.90 7.19 0.52
CA GLN C 39 -9.57 6.93 1.05
C GLN C 39 -9.02 5.65 0.43
N GLN C 40 -9.73 4.52 0.59
CA GLN C 40 -9.37 3.24 -0.03
C GLN C 40 -9.32 3.27 -1.57
N ASN C 41 -10.10 4.13 -2.24
CA ASN C 41 -10.00 4.37 -3.69
C ASN C 41 -8.63 5.00 -4.04
N ASN C 42 -8.17 5.98 -3.24
CA ASN C 42 -6.86 6.61 -3.39
C ASN C 42 -5.72 5.68 -2.97
N LEU C 43 -5.90 4.88 -1.91
CA LEU C 43 -4.92 3.86 -1.47
C LEU C 43 -4.78 2.76 -2.52
N LEU C 44 -5.88 2.30 -3.13
CA LEU C 44 -5.92 1.32 -4.24
C LEU C 44 -5.12 1.85 -5.44
N ARG C 45 -5.38 3.09 -5.88
CA ARG C 45 -4.64 3.72 -6.98
C ARG C 45 -3.14 3.93 -6.65
N ALA C 46 -2.81 4.22 -5.39
CA ALA C 46 -1.43 4.38 -4.92
C ALA C 46 -0.69 3.03 -4.85
N ILE C 47 -1.35 1.96 -4.36
CA ILE C 47 -0.80 0.61 -4.32
C ILE C 47 -0.56 0.09 -5.77
N GLU C 48 -1.49 0.36 -6.71
CA GLU C 48 -1.36 0.09 -8.14
C GLU C 48 -0.09 0.76 -8.69
N ALA C 49 0.05 2.07 -8.46
CA ALA C 49 1.17 2.89 -8.93
C ALA C 49 2.54 2.38 -8.48
N GLN C 50 2.71 2.00 -7.20
CA GLN C 50 3.98 1.45 -6.71
C GLN C 50 4.17 -0.03 -7.12
N GLN C 51 3.10 -0.79 -7.40
CA GLN C 51 3.18 -2.14 -7.98
C GLN C 51 3.55 -2.09 -9.48
N HIS C 52 3.27 -0.99 -10.17
CA HIS C 52 3.75 -0.72 -11.53
C HIS C 52 5.24 -0.35 -11.47
N LEU C 53 5.63 0.53 -10.53
CA LEU C 53 7.02 0.97 -10.30
C LEU C 53 7.93 -0.20 -9.88
N LEU C 54 7.38 -1.17 -9.13
CA LEU C 54 8.02 -2.43 -8.74
C LEU C 54 8.64 -3.17 -9.92
N GLN C 55 7.96 -3.22 -11.07
CA GLN C 55 8.39 -3.96 -12.25
C GLN C 55 9.72 -3.39 -12.79
N LEU C 56 9.81 -2.05 -12.88
CA LEU C 56 10.99 -1.35 -13.38
C LEU C 56 12.22 -1.57 -12.49
N THR C 57 12.06 -1.54 -11.16
CA THR C 57 13.16 -1.83 -10.24
C THR C 57 13.51 -3.33 -10.24
N VAL C 58 12.53 -4.25 -10.36
CA VAL C 58 12.77 -5.70 -10.54
C VAL C 58 13.56 -5.98 -11.84
N TRP C 59 13.20 -5.35 -12.96
CA TRP C 59 13.93 -5.44 -14.24
C TRP C 59 15.37 -4.89 -14.14
N GLY C 60 15.67 -4.07 -13.13
CA GLY C 60 16.99 -3.51 -12.88
C GLY C 60 17.87 -4.49 -12.10
N ILE C 61 17.29 -5.33 -11.23
CA ILE C 61 17.97 -6.47 -10.59
C ILE C 61 18.35 -7.50 -11.67
N LYS C 62 17.43 -7.79 -12.59
CA LYS C 62 17.64 -8.70 -13.73
C LYS C 62 18.75 -8.19 -14.67
N GLN C 63 18.76 -6.89 -14.97
CA GLN C 63 19.77 -6.23 -15.78
C GLN C 63 21.15 -6.24 -15.10
N LEU C 64 21.21 -5.93 -13.79
CA LEU C 64 22.44 -5.94 -13.00
C LEU C 64 23.04 -7.35 -12.87
N GLN C 65 22.24 -8.35 -12.49
CA GLN C 65 22.72 -9.72 -12.26
C GLN C 65 23.14 -10.42 -13.57
N ALA C 66 22.63 -9.97 -14.72
CA ALA C 66 23.05 -10.44 -16.03
C ALA C 66 24.38 -9.78 -16.43
N ARG C 67 24.47 -8.44 -16.36
CA ARG C 67 25.63 -7.70 -16.87
C ARG C 67 26.86 -7.77 -15.93
N ILE C 68 26.71 -8.23 -14.68
CA ILE C 68 27.83 -8.53 -13.77
C ILE C 68 28.74 -9.66 -14.35
N LEU C 69 28.22 -10.47 -15.28
CA LEU C 69 28.96 -11.50 -16.01
C LEU C 69 29.84 -10.91 -17.13
N ALA C 70 29.66 -9.62 -17.48
CA ALA C 70 30.49 -8.91 -18.48
C ALA C 70 31.59 -8.07 -17.81
N VAL C 71 31.57 -7.95 -16.47
CA VAL C 71 32.53 -7.19 -15.67
C VAL C 71 33.86 -7.94 -15.50
N GLU C 72 33.89 -9.26 -15.75
CA GLU C 72 35.04 -10.15 -15.59
C GLU C 72 35.03 -11.25 -16.65
N THR A 1 6.73 16.34 -5.93
CA THR A 1 7.17 15.25 -5.05
C THR A 1 7.50 13.93 -5.81
N SER A 2 7.44 13.90 -7.16
CA SER A 2 7.63 12.74 -8.04
C SER A 2 6.33 11.93 -8.22
N LEU A 3 6.21 11.27 -9.39
CA LEU A 3 4.99 10.61 -9.90
C LEU A 3 4.32 9.65 -8.91
N ILE A 4 5.07 8.68 -8.39
CA ILE A 4 4.52 7.58 -7.57
C ILE A 4 4.09 8.07 -6.18
N HIS A 5 4.74 9.12 -5.64
CA HIS A 5 4.35 9.78 -4.40
C HIS A 5 3.09 10.65 -4.57
N SER A 6 2.73 11.08 -5.78
CA SER A 6 1.58 11.97 -6.01
C SER A 6 0.23 11.29 -5.67
N LEU A 7 0.12 9.96 -5.82
CA LEU A 7 -1.05 9.17 -5.44
C LEU A 7 -1.14 9.05 -3.90
N ILE A 8 0.01 8.96 -3.22
CA ILE A 8 0.13 8.92 -1.77
C ILE A 8 -0.20 10.32 -1.21
N GLU A 9 0.24 11.39 -1.87
CA GLU A 9 -0.11 12.78 -1.58
C GLU A 9 -1.62 13.06 -1.70
N GLU A 10 -2.28 12.57 -2.77
CA GLU A 10 -3.73 12.66 -2.98
C GLU A 10 -4.50 11.85 -1.93
N SER A 11 -3.97 10.69 -1.51
CA SER A 11 -4.50 9.88 -0.41
C SER A 11 -4.38 10.66 0.92
N GLN A 12 -3.19 11.23 1.22
CA GLN A 12 -2.91 12.02 2.42
C GLN A 12 -3.77 13.30 2.51
N ASN A 13 -4.19 13.87 1.38
CA ASN A 13 -5.09 15.02 1.28
C ASN A 13 -6.58 14.65 1.41
N GLN A 14 -6.91 13.36 1.58
CA GLN A 14 -8.26 12.86 1.85
C GLN A 14 -8.45 12.60 3.37
N GLN A 15 -7.39 12.75 4.18
CA GLN A 15 -7.38 12.47 5.62
C GLN A 15 -8.19 13.50 6.40
N GLU A 16 -8.11 14.79 6.05
CA GLU A 16 -8.88 15.88 6.65
C GLU A 16 -10.37 15.70 6.37
N LYS A 17 -10.71 15.23 5.16
CA LYS A 17 -12.06 14.92 4.67
C LYS A 17 -12.60 13.59 5.24
N ASN A 18 -11.86 12.94 6.15
CA ASN A 18 -12.34 11.86 7.01
C ASN A 18 -12.41 12.41 8.44
N GLU A 19 -11.30 12.99 8.94
CA GLU A 19 -11.15 13.52 10.31
C GLU A 19 -12.21 14.57 10.70
N GLN A 20 -12.48 15.55 9.82
CA GLN A 20 -13.45 16.63 10.07
C GLN A 20 -14.89 16.10 10.16
N GLU A 21 -15.18 15.02 9.41
CA GLU A 21 -16.49 14.38 9.35
C GLU A 21 -16.66 13.48 10.59
N LEU A 22 -15.60 12.77 11.02
CA LEU A 22 -15.57 11.93 12.22
C LEU A 22 -15.76 12.77 13.50
N LEU A 23 -15.23 13.99 13.51
CA LEU A 23 -15.36 14.97 14.59
C LEU A 23 -16.78 15.57 14.65
N GLU A 24 -17.48 15.66 13.51
CA GLU A 24 -18.86 16.15 13.40
C GLU A 24 -19.86 15.01 13.74
N LEU A 25 -19.61 13.80 13.24
CA LEU A 25 -20.41 12.59 13.42
C LEU A 25 -19.86 11.77 14.61
N ASP A 26 -19.57 12.42 15.74
CA ASP A 26 -18.93 11.81 16.91
C ASP A 26 -19.97 11.15 17.85
N GLY A 27 -21.26 11.41 17.66
CA GLY A 27 -22.32 11.07 18.61
C GLY A 27 -23.33 10.03 18.09
N ASP A 28 -23.22 9.60 16.83
CA ASP A 28 -24.05 8.57 16.20
C ASP A 28 -23.25 7.89 15.07
N GLY A 29 -23.55 6.63 14.81
CA GLY A 29 -22.85 5.75 13.87
C GLY A 29 -22.20 4.56 14.61
N PRO A 30 -21.69 3.54 13.88
CA PRO A 30 -20.98 2.40 14.49
C PRO A 30 -19.57 2.80 14.96
N GLN A 31 -19.04 2.04 15.93
CA GLN A 31 -17.79 2.30 16.64
C GLN A 31 -16.55 2.16 15.73
N LEU A 32 -16.66 1.37 14.65
CA LEU A 32 -15.63 1.00 13.68
C LEU A 32 -14.81 2.18 13.13
N LEU A 33 -15.45 3.31 12.84
CA LEU A 33 -14.81 4.47 12.23
C LEU A 33 -13.80 5.17 13.16
N SER A 34 -13.87 4.94 14.48
CA SER A 34 -12.86 5.42 15.44
C SER A 34 -11.56 4.58 15.37
N GLY A 35 -11.58 3.43 14.69
CA GLY A 35 -10.44 2.52 14.52
C GLY A 35 -9.99 2.48 13.06
N ILE A 36 -10.93 2.37 12.10
CA ILE A 36 -10.72 2.34 10.66
C ILE A 36 -9.98 3.59 10.13
N VAL A 37 -10.41 4.79 10.55
CA VAL A 37 -9.83 6.07 10.11
C VAL A 37 -8.39 6.24 10.62
N GLN A 38 -8.05 5.62 11.76
CA GLN A 38 -6.71 5.52 12.29
C GLN A 38 -5.91 4.41 11.54
N GLN A 39 -6.52 3.25 11.29
CA GLN A 39 -5.87 2.09 10.66
C GLN A 39 -5.50 2.36 9.18
N GLN A 40 -6.32 3.11 8.43
CA GLN A 40 -6.00 3.52 7.06
C GLN A 40 -4.84 4.55 7.02
N ASN A 41 -4.66 5.35 8.09
CA ASN A 41 -3.50 6.24 8.27
C ASN A 41 -2.25 5.40 8.54
N ASN A 42 -2.34 4.30 9.29
CA ASN A 42 -1.24 3.36 9.55
C ASN A 42 -0.82 2.62 8.27
N LEU A 43 -1.79 2.32 7.39
CA LEU A 43 -1.58 1.76 6.05
C LEU A 43 -0.89 2.79 5.14
N LEU A 44 -1.35 4.05 5.14
CA LEU A 44 -0.78 5.18 4.42
C LEU A 44 0.68 5.48 4.85
N ARG A 45 0.95 5.45 6.17
CA ARG A 45 2.29 5.57 6.76
C ARG A 45 3.22 4.45 6.27
N ALA A 46 2.75 3.19 6.27
CA ALA A 46 3.48 2.04 5.77
C ALA A 46 3.81 2.18 4.27
N ILE A 47 2.85 2.59 3.44
CA ILE A 47 3.03 2.88 2.01
C ILE A 47 4.10 3.97 1.76
N GLU A 48 4.01 5.13 2.42
CA GLU A 48 4.97 6.22 2.29
C GLU A 48 6.38 5.81 2.77
N ALA A 49 6.46 5.02 3.86
CA ALA A 49 7.71 4.47 4.38
C ALA A 49 8.31 3.41 3.44
N GLN A 50 7.49 2.53 2.84
CA GLN A 50 7.91 1.56 1.83
C GLN A 50 8.35 2.24 0.53
N GLN A 51 7.68 3.33 0.11
CA GLN A 51 8.07 4.14 -1.05
C GLN A 51 9.48 4.73 -0.90
N HIS A 52 9.91 5.03 0.34
CA HIS A 52 11.27 5.46 0.65
C HIS A 52 12.31 4.35 0.38
N LEU A 53 11.94 3.07 0.50
CA LEU A 53 12.79 1.93 0.11
C LEU A 53 12.81 1.78 -1.42
N LEU A 54 11.65 1.90 -2.10
CA LEU A 54 11.55 1.85 -3.57
C LEU A 54 12.43 2.92 -4.24
N GLN A 55 12.34 4.17 -3.75
CA GLN A 55 13.11 5.31 -4.25
C GLN A 55 14.61 5.22 -3.90
N LEU A 56 14.99 4.40 -2.93
CA LEU A 56 16.37 4.16 -2.52
C LEU A 56 16.97 2.98 -3.30
N THR A 57 16.26 1.87 -3.52
CA THR A 57 16.79 0.73 -4.28
C THR A 57 16.79 0.99 -5.80
N VAL A 58 15.90 1.84 -6.35
CA VAL A 58 15.98 2.26 -7.76
C VAL A 58 17.19 3.20 -8.00
N TRP A 59 17.53 4.02 -6.99
CA TRP A 59 18.75 4.84 -6.96
C TRP A 59 19.98 3.92 -6.84
N GLY A 60 19.93 2.92 -5.93
CA GLY A 60 20.79 1.75 -5.86
C GLY A 60 21.14 1.13 -7.22
N ILE A 61 20.12 0.67 -7.95
CA ILE A 61 20.22 0.10 -9.31
C ILE A 61 20.95 1.05 -10.28
N LYS A 62 20.61 2.35 -10.29
CA LYS A 62 21.26 3.37 -11.11
C LYS A 62 22.73 3.61 -10.72
N GLN A 63 23.04 3.63 -9.41
CA GLN A 63 24.39 3.78 -8.87
C GLN A 63 25.27 2.55 -9.16
N LEU A 64 24.70 1.34 -9.15
CA LEU A 64 25.36 0.11 -9.59
C LEU A 64 25.60 0.15 -11.11
N GLN A 65 24.57 0.51 -11.90
CA GLN A 65 24.62 0.63 -13.36
C GLN A 65 25.72 1.60 -13.84
N ALA A 66 25.85 2.75 -13.17
CA ALA A 66 26.85 3.79 -13.46
C ALA A 66 28.31 3.33 -13.24
N ARG A 67 28.54 2.31 -12.41
CA ARG A 67 29.86 1.74 -12.16
C ARG A 67 30.22 0.72 -13.26
N ILE A 68 29.34 -0.24 -13.56
CA ILE A 68 29.57 -1.24 -14.61
C ILE A 68 29.59 -0.62 -16.02
N LEU A 69 28.92 0.53 -16.24
CA LEU A 69 28.96 1.33 -17.47
C LEU A 69 30.39 1.80 -17.84
N ALA A 70 31.31 1.91 -16.86
CA ALA A 70 32.71 2.25 -17.08
C ALA A 70 33.56 1.00 -17.44
N VAL A 71 33.06 -0.20 -17.14
CA VAL A 71 33.72 -1.49 -17.41
C VAL A 71 33.28 -1.99 -18.80
N GLU A 72 32.01 -1.78 -19.16
CA GLU A 72 31.36 -2.15 -20.43
C GLU A 72 32.09 -1.57 -21.66
N THR B 1 10.63 -3.57 4.58
CA THR B 1 11.78 -4.39 4.93
C THR B 1 11.92 -4.36 6.47
N SER B 2 13.13 -4.36 7.08
CA SER B 2 13.39 -4.52 8.52
C SER B 2 12.53 -3.66 9.47
N LEU B 3 12.59 -2.32 9.37
CA LEU B 3 11.93 -1.40 10.31
C LEU B 3 10.42 -1.31 10.03
N ILE B 4 10.03 -1.44 8.75
CA ILE B 4 8.68 -1.34 8.20
C ILE B 4 7.71 -2.35 8.85
N HIS B 5 8.23 -3.49 9.31
CA HIS B 5 7.50 -4.52 10.07
C HIS B 5 6.78 -3.96 11.31
N SER B 6 7.30 -2.92 11.94
CA SER B 6 6.71 -2.25 13.11
C SER B 6 5.45 -1.44 12.70
N LEU B 7 5.46 -0.79 11.52
CA LEU B 7 4.36 0.00 10.99
C LEU B 7 3.24 -0.93 10.47
N ILE B 8 3.64 -2.04 9.82
CA ILE B 8 2.75 -3.11 9.37
C ILE B 8 2.09 -3.81 10.57
N GLU B 9 2.86 -4.13 11.63
CA GLU B 9 2.38 -4.65 12.92
C GLU B 9 1.31 -3.74 13.56
N GLU B 10 1.61 -2.44 13.66
CA GLU B 10 0.71 -1.39 14.17
C GLU B 10 -0.60 -1.29 13.35
N SER B 11 -0.51 -1.42 12.02
CA SER B 11 -1.67 -1.44 11.13
C SER B 11 -2.48 -2.74 11.30
N GLN B 12 -1.87 -3.91 11.15
CA GLN B 12 -2.58 -5.19 11.08
C GLN B 12 -3.18 -5.64 12.43
N ASN B 13 -2.55 -5.28 13.56
CA ASN B 13 -3.08 -5.57 14.91
C ASN B 13 -4.39 -4.78 15.16
N GLN B 14 -4.48 -3.55 14.63
CA GLN B 14 -5.67 -2.71 14.70
C GLN B 14 -6.69 -3.13 13.62
N GLN B 15 -6.25 -3.63 12.46
CA GLN B 15 -7.13 -4.23 11.44
C GLN B 15 -7.84 -5.47 12.01
N GLU B 16 -7.10 -6.35 12.72
CA GLU B 16 -7.65 -7.52 13.42
C GLU B 16 -8.62 -7.14 14.55
N LYS B 17 -8.45 -5.96 15.20
CA LYS B 17 -9.42 -5.42 16.14
C LYS B 17 -10.71 -5.01 15.40
N ASN B 18 -10.59 -4.31 14.26
CA ASN B 18 -11.73 -3.88 13.43
C ASN B 18 -12.51 -5.07 12.85
N GLU B 19 -11.83 -6.18 12.50
CA GLU B 19 -12.43 -7.46 12.13
C GLU B 19 -13.28 -8.02 13.29
N GLN B 20 -12.69 -8.15 14.48
CA GLN B 20 -13.34 -8.59 15.72
C GLN B 20 -14.55 -7.70 16.09
N GLU B 21 -14.41 -6.38 15.94
CA GLU B 21 -15.45 -5.39 16.21
C GLU B 21 -16.65 -5.59 15.26
N LEU B 22 -16.41 -5.72 13.94
CA LEU B 22 -17.43 -5.96 12.91
C LEU B 22 -18.14 -7.30 13.12
N LEU B 23 -17.40 -8.36 13.49
CA LEU B 23 -17.91 -9.69 13.85
C LEU B 23 -18.70 -9.73 15.18
N GLU B 24 -18.88 -8.58 15.86
CA GLU B 24 -19.73 -8.38 17.02
C GLU B 24 -20.67 -7.16 16.83
N LEU B 25 -20.86 -6.73 15.57
CA LEU B 25 -21.75 -5.65 15.13
C LEU B 25 -22.57 -6.17 13.93
N ASP B 26 -23.18 -7.36 14.09
CA ASP B 26 -23.91 -8.17 13.10
C ASP B 26 -25.18 -7.49 12.53
N GLY B 27 -25.00 -6.37 11.82
CA GLY B 27 -26.05 -5.59 11.18
C GLY B 27 -26.20 -4.19 11.81
N ASP B 28 -25.38 -3.87 12.81
CA ASP B 28 -25.39 -2.60 13.55
C ASP B 28 -24.54 -1.59 12.78
N GLY B 29 -25.20 -0.78 11.94
CA GLY B 29 -24.62 0.26 11.12
C GLY B 29 -24.84 0.01 9.61
N PRO B 30 -24.42 0.96 8.73
CA PRO B 30 -24.46 0.83 7.26
C PRO B 30 -23.81 -0.46 6.73
N GLN B 31 -24.29 -0.95 5.57
CA GLN B 31 -23.78 -2.12 4.86
C GLN B 31 -22.30 -2.00 4.44
N LEU B 32 -21.82 -0.76 4.28
CA LEU B 32 -20.44 -0.38 3.95
C LEU B 32 -19.41 -1.00 4.91
N LEU B 33 -19.72 -1.03 6.22
CA LEU B 33 -18.83 -1.51 7.27
C LEU B 33 -18.45 -3.00 7.13
N SER B 34 -19.29 -3.80 6.46
CA SER B 34 -19.04 -5.20 6.16
C SER B 34 -18.19 -5.37 4.87
N GLY B 35 -17.92 -4.29 4.13
CA GLY B 35 -17.15 -4.28 2.88
C GLY B 35 -15.83 -3.50 3.05
N ILE B 36 -15.83 -2.47 3.91
CA ILE B 36 -14.67 -1.69 4.35
C ILE B 36 -13.57 -2.61 4.93
N VAL B 37 -13.90 -3.41 5.95
CA VAL B 37 -12.97 -4.34 6.61
C VAL B 37 -12.32 -5.33 5.62
N GLN B 38 -13.12 -5.86 4.68
CA GLN B 38 -12.72 -6.82 3.68
C GLN B 38 -11.80 -6.18 2.62
N GLN B 39 -12.03 -4.91 2.26
CA GLN B 39 -11.14 -4.13 1.40
C GLN B 39 -9.84 -3.77 2.13
N GLN B 40 -9.91 -3.33 3.40
CA GLN B 40 -8.74 -3.04 4.25
C GLN B 40 -7.82 -4.28 4.42
N ASN B 41 -8.42 -5.46 4.61
CA ASN B 41 -7.76 -6.77 4.60
C ASN B 41 -7.06 -7.05 3.27
N ASN B 42 -7.75 -6.85 2.14
CA ASN B 42 -7.21 -7.03 0.78
C ASN B 42 -6.03 -6.09 0.47
N LEU B 43 -6.16 -4.79 0.80
CA LEU B 43 -5.11 -3.78 0.65
C LEU B 43 -3.88 -4.09 1.52
N LEU B 44 -4.10 -4.50 2.77
CA LEU B 44 -3.07 -4.91 3.73
C LEU B 44 -2.32 -6.16 3.25
N ARG B 45 -3.04 -7.20 2.80
CA ARG B 45 -2.46 -8.44 2.27
C ARG B 45 -1.64 -8.20 1.00
N ALA B 46 -2.09 -7.32 0.10
CA ALA B 46 -1.37 -6.88 -1.09
C ALA B 46 -0.01 -6.23 -0.72
N ILE B 47 -0.03 -5.29 0.23
CA ILE B 47 1.14 -4.62 0.80
C ILE B 47 2.11 -5.60 1.50
N GLU B 48 1.59 -6.54 2.32
CA GLU B 48 2.34 -7.58 3.03
C GLU B 48 3.08 -8.50 2.04
N ALA B 49 2.39 -8.95 0.98
CA ALA B 49 2.95 -9.76 -0.09
C ALA B 49 4.02 -9.00 -0.89
N GLN B 50 3.71 -7.75 -1.28
CA GLN B 50 4.61 -6.81 -1.96
C GLN B 50 5.92 -6.52 -1.20
N GLN B 51 5.88 -6.53 0.14
CA GLN B 51 7.06 -6.31 0.98
C GLN B 51 8.12 -7.42 0.81
N HIS B 52 7.70 -8.64 0.47
CA HIS B 52 8.57 -9.79 0.21
C HIS B 52 9.32 -9.63 -1.12
N LEU B 53 8.71 -8.95 -2.11
CA LEU B 53 9.34 -8.62 -3.39
C LEU B 53 10.23 -7.37 -3.23
N LEU B 54 9.83 -6.42 -2.38
CA LEU B 54 10.57 -5.19 -2.07
C LEU B 54 11.93 -5.51 -1.42
N GLN B 55 11.97 -6.38 -0.41
CA GLN B 55 13.20 -6.80 0.26
C GLN B 55 14.11 -7.64 -0.65
N LEU B 56 13.56 -8.21 -1.74
CA LEU B 56 14.30 -8.90 -2.79
C LEU B 56 15.10 -7.91 -3.67
N THR B 57 14.72 -6.61 -3.74
CA THR B 57 15.50 -5.60 -4.45
C THR B 57 16.75 -5.22 -3.63
N VAL B 58 16.64 -5.19 -2.29
CA VAL B 58 17.74 -5.00 -1.35
C VAL B 58 18.71 -6.20 -1.45
N TRP B 59 18.19 -7.43 -1.35
CA TRP B 59 18.93 -8.69 -1.57
C TRP B 59 19.31 -8.96 -3.04
N GLY B 60 19.16 -7.95 -3.91
CA GLY B 60 19.59 -7.93 -5.29
C GLY B 60 20.80 -7.01 -5.37
N ILE B 61 20.62 -5.70 -5.14
CA ILE B 61 21.70 -4.69 -5.17
C ILE B 61 22.86 -5.00 -4.20
N LYS B 62 22.57 -5.61 -3.04
CA LYS B 62 23.54 -6.07 -2.03
C LYS B 62 24.46 -7.20 -2.55
N GLN B 63 23.96 -8.05 -3.46
CA GLN B 63 24.71 -9.14 -4.08
C GLN B 63 25.42 -8.65 -5.36
N LEU B 64 24.74 -7.85 -6.19
CA LEU B 64 25.23 -7.41 -7.50
C LEU B 64 26.45 -6.48 -7.38
N GLN B 65 26.48 -5.61 -6.36
CA GLN B 65 27.62 -4.73 -6.05
C GLN B 65 28.92 -5.50 -5.79
N ALA B 66 28.82 -6.71 -5.19
CA ALA B 66 29.96 -7.59 -4.89
C ALA B 66 30.49 -8.29 -6.15
N ARG B 67 29.68 -8.37 -7.22
CA ARG B 67 30.11 -8.88 -8.52
C ARG B 67 30.78 -7.75 -9.31
N ILE B 68 30.25 -6.52 -9.25
CA ILE B 68 30.82 -5.31 -9.85
C ILE B 68 32.20 -4.98 -9.24
N LEU B 69 32.37 -5.17 -7.92
CA LEU B 69 33.63 -5.01 -7.19
C LEU B 69 34.76 -5.99 -7.62
N ALA B 70 34.46 -7.03 -8.42
CA ALA B 70 35.45 -7.94 -8.98
C ALA B 70 36.01 -7.42 -10.33
N VAL B 71 35.41 -6.38 -10.93
CA VAL B 71 35.71 -5.87 -12.27
C VAL B 71 35.86 -4.33 -12.32
N GLU B 72 35.92 -3.67 -11.17
CA GLU B 72 35.99 -2.22 -10.99
C GLU B 72 36.95 -1.92 -9.81
N THR C 1 5.59 -11.84 -9.97
CA THR C 1 4.59 -10.78 -9.76
C THR C 1 3.13 -11.31 -9.66
N SER C 2 2.88 -12.60 -9.94
CA SER C 2 1.54 -13.20 -10.03
C SER C 2 0.78 -13.22 -8.69
N LEU C 3 1.50 -13.30 -7.56
CA LEU C 3 0.94 -13.32 -6.21
C LEU C 3 0.34 -11.95 -5.85
N ILE C 4 1.12 -10.87 -6.02
CA ILE C 4 0.66 -9.51 -5.73
C ILE C 4 -0.41 -9.07 -6.75
N HIS C 5 -0.31 -9.49 -8.03
CA HIS C 5 -1.34 -9.28 -9.05
C HIS C 5 -2.69 -9.87 -8.61
N SER C 6 -2.70 -11.12 -8.12
CA SER C 6 -3.92 -11.83 -7.70
C SER C 6 -4.61 -11.11 -6.53
N LEU C 7 -3.85 -10.60 -5.56
CA LEU C 7 -4.32 -9.83 -4.42
C LEU C 7 -4.83 -8.43 -4.84
N ILE C 8 -4.14 -7.76 -5.77
CA ILE C 8 -4.59 -6.50 -6.38
C ILE C 8 -5.87 -6.70 -7.21
N GLU C 9 -5.99 -7.81 -7.94
CA GLU C 9 -7.16 -8.20 -8.75
C GLU C 9 -8.41 -8.45 -7.88
N GLU C 10 -8.25 -8.90 -6.63
CA GLU C 10 -9.32 -8.99 -5.65
C GLU C 10 -9.55 -7.63 -4.94
N SER C 11 -8.52 -6.80 -4.77
CA SER C 11 -8.64 -5.46 -4.16
C SER C 11 -9.46 -4.52 -5.06
N GLN C 12 -9.24 -4.52 -6.38
CA GLN C 12 -10.00 -3.71 -7.34
C GLN C 12 -11.46 -4.21 -7.48
N ASN C 13 -11.75 -5.49 -7.22
CA ASN C 13 -13.10 -6.03 -7.11
C ASN C 13 -13.80 -5.53 -5.83
N GLN C 14 -13.07 -5.53 -4.70
CA GLN C 14 -13.58 -5.07 -3.40
C GLN C 14 -13.78 -3.54 -3.39
N GLN C 15 -12.91 -2.79 -4.08
CA GLN C 15 -13.03 -1.35 -4.33
C GLN C 15 -14.31 -1.03 -5.11
N GLU C 16 -14.55 -1.77 -6.21
CA GLU C 16 -15.76 -1.67 -7.04
C GLU C 16 -17.03 -1.97 -6.22
N LYS C 17 -17.02 -3.03 -5.41
CA LYS C 17 -18.10 -3.41 -4.49
C LYS C 17 -18.42 -2.29 -3.47
N ASN C 18 -17.38 -1.72 -2.85
CA ASN C 18 -17.47 -0.58 -1.91
C ASN C 18 -18.08 0.68 -2.57
N GLU C 19 -17.68 1.00 -3.81
CA GLU C 19 -18.23 2.10 -4.61
C GLU C 19 -19.70 1.83 -4.98
N GLN C 20 -20.04 0.62 -5.45
CA GLN C 20 -21.39 0.22 -5.83
C GLN C 20 -22.39 0.25 -4.66
N GLU C 21 -22.00 -0.29 -3.50
CA GLU C 21 -22.86 -0.33 -2.31
C GLU C 21 -22.88 1.02 -1.55
N LEU C 22 -22.00 1.97 -1.89
CA LEU C 22 -22.10 3.38 -1.49
C LEU C 22 -23.10 4.10 -2.43
N LEU C 23 -23.00 3.88 -3.75
CA LEU C 23 -23.86 4.46 -4.78
C LEU C 23 -25.34 4.04 -4.60
N GLU C 24 -25.57 2.81 -4.13
CA GLU C 24 -26.88 2.26 -3.81
C GLU C 24 -27.52 2.89 -2.54
N LEU C 25 -26.72 3.54 -1.68
CA LEU C 25 -27.17 4.22 -0.47
C LEU C 25 -27.53 5.68 -0.82
N ASP C 26 -28.62 5.87 -1.57
CA ASP C 26 -29.21 7.17 -1.88
C ASP C 26 -30.12 7.58 -0.71
N GLY C 27 -30.33 8.89 -0.54
CA GLY C 27 -31.20 9.48 0.47
C GLY C 27 -30.37 10.29 1.46
N ASP C 28 -29.96 9.65 2.56
CA ASP C 28 -29.16 10.21 3.66
C ASP C 28 -28.17 9.14 4.17
N GLY C 29 -27.57 9.34 5.34
CA GLY C 29 -26.53 8.52 5.95
C GLY C 29 -25.28 9.33 6.29
N PRO C 30 -24.32 8.75 7.05
CA PRO C 30 -23.12 9.47 7.52
C PRO C 30 -22.12 9.70 6.37
N GLN C 31 -21.73 10.96 6.16
CA GLN C 31 -20.81 11.40 5.09
C GLN C 31 -19.32 11.06 5.37
N LEU C 32 -19.05 10.29 6.43
CA LEU C 32 -17.77 9.60 6.67
C LEU C 32 -17.57 8.51 5.59
N LEU C 33 -18.65 7.85 5.16
CA LEU C 33 -18.66 6.83 4.11
C LEU C 33 -18.17 7.39 2.76
N SER C 34 -18.48 8.66 2.48
CA SER C 34 -18.02 9.44 1.32
C SER C 34 -16.55 9.91 1.46
N GLY C 35 -15.85 9.52 2.53
CA GLY C 35 -14.44 9.80 2.78
C GLY C 35 -13.62 8.50 2.83
N ILE C 36 -14.13 7.46 3.52
CA ILE C 36 -13.42 6.20 3.74
C ILE C 36 -13.33 5.38 2.42
N VAL C 37 -14.40 5.35 1.61
CA VAL C 37 -14.41 4.68 0.30
C VAL C 37 -13.48 5.42 -0.68
N GLN C 38 -13.40 6.76 -0.58
CA GLN C 38 -12.53 7.59 -1.43
C GLN C 38 -11.06 7.52 -0.97
N GLN C 39 -10.81 7.23 0.31
CA GLN C 39 -9.50 6.80 0.80
C GLN C 39 -9.13 5.44 0.19
N GLN C 40 -10.02 4.44 0.27
CA GLN C 40 -9.83 3.11 -0.30
C GLN C 40 -9.60 3.11 -1.83
N ASN C 41 -10.21 4.04 -2.57
CA ASN C 41 -9.94 4.31 -3.98
C ASN C 41 -8.50 4.81 -4.18
N ASN C 42 -8.06 5.77 -3.36
CA ASN C 42 -6.70 6.34 -3.41
C ASN C 42 -5.62 5.36 -2.93
N LEU C 43 -5.94 4.49 -1.96
CA LEU C 43 -5.09 3.39 -1.49
C LEU C 43 -4.81 2.40 -2.64
N LEU C 44 -5.83 2.03 -3.42
CA LEU C 44 -5.71 1.17 -4.60
C LEU C 44 -4.82 1.82 -5.68
N ARG C 45 -5.00 3.12 -5.93
CA ARG C 45 -4.19 3.90 -6.88
C ARG C 45 -2.72 4.00 -6.44
N ALA C 46 -2.46 4.17 -5.14
CA ALA C 46 -1.12 4.20 -4.55
C ALA C 46 -0.40 2.85 -4.71
N ILE C 47 -1.09 1.73 -4.46
CA ILE C 47 -0.60 0.37 -4.71
C ILE C 47 -0.35 0.15 -6.22
N GLU C 48 -1.31 0.52 -7.08
CA GLU C 48 -1.23 0.42 -8.54
C GLU C 48 -0.04 1.23 -9.14
N ALA C 49 0.30 2.37 -8.55
CA ALA C 49 1.50 3.14 -8.89
C ALA C 49 2.77 2.44 -8.36
N GLN C 50 2.80 2.10 -7.06
CA GLN C 50 3.96 1.51 -6.40
C GLN C 50 4.35 0.11 -6.96
N GLN C 51 3.36 -0.73 -7.33
CA GLN C 51 3.60 -2.06 -7.89
C GLN C 51 4.27 -2.01 -9.28
N HIS C 52 4.18 -0.89 -10.02
CA HIS C 52 4.90 -0.69 -11.27
C HIS C 52 6.37 -0.34 -11.00
N LEU C 53 6.66 0.44 -9.95
CA LEU C 53 8.02 0.76 -9.51
C LEU C 53 8.68 -0.47 -8.87
N LEU C 54 7.90 -1.30 -8.16
CA LEU C 54 8.27 -2.63 -7.66
C LEU C 54 8.67 -3.56 -8.82
N GLN C 55 7.83 -3.67 -9.86
CA GLN C 55 8.10 -4.41 -11.09
C GLN C 55 9.38 -3.91 -11.79
N LEU C 56 9.55 -2.59 -11.92
CA LEU C 56 10.73 -1.93 -12.49
C LEU C 56 12.01 -2.28 -11.70
N THR C 57 12.01 -2.16 -10.37
CA THR C 57 13.16 -2.45 -9.52
C THR C 57 13.50 -3.96 -9.47
N VAL C 58 12.51 -4.87 -9.43
CA VAL C 58 12.69 -6.32 -9.50
C VAL C 58 13.20 -6.75 -10.91
N TRP C 59 12.82 -6.05 -11.98
CA TRP C 59 13.35 -6.25 -13.33
C TRP C 59 14.77 -5.63 -13.46
N GLY C 60 15.07 -4.56 -12.71
CA GLY C 60 16.30 -3.78 -12.86
C GLY C 60 17.52 -4.47 -12.23
N ILE C 61 17.32 -5.24 -11.15
CA ILE C 61 18.35 -6.14 -10.61
C ILE C 61 18.67 -7.30 -11.58
N LYS C 62 17.70 -7.74 -12.41
CA LYS C 62 17.89 -8.78 -13.42
C LYS C 62 18.59 -8.20 -14.66
N GLN C 63 18.34 -6.93 -15.00
CA GLN C 63 19.06 -6.20 -16.06
C GLN C 63 20.54 -5.97 -15.68
N LEU C 64 20.83 -5.71 -14.39
CA LEU C 64 22.20 -5.65 -13.87
C LEU C 64 22.88 -7.02 -13.94
N GLN C 65 22.19 -8.10 -13.51
CA GLN C 65 22.63 -9.49 -13.61
C GLN C 65 23.00 -9.87 -15.06
N ALA C 66 22.14 -9.52 -16.02
CA ALA C 66 22.35 -9.74 -17.45
C ALA C 66 23.56 -8.97 -18.01
N ARG C 67 23.86 -7.78 -17.47
CA ARG C 67 24.99 -6.94 -17.86
C ARG C 67 26.29 -7.48 -17.23
N ILE C 68 26.25 -7.94 -15.97
CA ILE C 68 27.35 -8.65 -15.29
C ILE C 68 27.74 -9.93 -16.05
N LEU C 69 26.75 -10.70 -16.52
CA LEU C 69 26.94 -11.89 -17.35
C LEU C 69 27.36 -11.58 -18.79
N ALA C 70 27.30 -10.31 -19.24
CA ALA C 70 27.83 -9.87 -20.53
C ALA C 70 29.31 -9.46 -20.39
N VAL C 71 29.70 -8.90 -19.25
CA VAL C 71 31.09 -8.58 -18.89
C VAL C 71 31.88 -9.87 -18.59
N GLU C 72 31.28 -10.80 -17.81
CA GLU C 72 31.79 -12.11 -17.42
C GLU C 72 32.82 -11.99 -16.28
N THR A 1 5.83 16.26 -5.86
CA THR A 1 6.39 15.23 -4.96
C THR A 1 6.93 14.00 -5.72
N SER A 2 6.87 13.98 -7.06
CA SER A 2 7.17 12.88 -7.97
C SER A 2 5.94 11.97 -8.17
N LEU A 3 5.87 11.31 -9.34
CA LEU A 3 4.73 10.58 -9.88
C LEU A 3 4.10 9.56 -8.90
N ILE A 4 4.90 8.60 -8.43
CA ILE A 4 4.43 7.49 -7.60
C ILE A 4 3.99 7.97 -6.20
N HIS A 5 4.61 9.04 -5.69
CA HIS A 5 4.25 9.69 -4.43
C HIS A 5 2.95 10.50 -4.55
N SER A 6 2.56 10.97 -5.74
CA SER A 6 1.38 11.82 -5.92
C SER A 6 0.06 11.10 -5.54
N LEU A 7 -0.02 9.79 -5.75
CA LEU A 7 -1.17 8.97 -5.35
C LEU A 7 -1.19 8.78 -3.82
N ILE A 8 -0.02 8.68 -3.19
CA ILE A 8 0.13 8.62 -1.73
C ILE A 8 -0.21 10.00 -1.13
N GLU A 9 0.16 11.11 -1.79
CA GLU A 9 -0.19 12.48 -1.43
C GLU A 9 -1.71 12.73 -1.48
N GLU A 10 -2.42 12.24 -2.50
CA GLU A 10 -3.87 12.32 -2.61
C GLU A 10 -4.57 11.41 -1.57
N SER A 11 -3.99 10.25 -1.26
CA SER A 11 -4.41 9.35 -0.19
C SER A 11 -4.20 10.00 1.20
N GLN A 12 -3.10 10.75 1.38
CA GLN A 12 -2.74 11.47 2.59
C GLN A 12 -3.69 12.67 2.80
N ASN A 13 -4.00 13.43 1.75
CA ASN A 13 -5.00 14.51 1.75
C ASN A 13 -6.41 14.00 2.09
N GLN A 14 -6.69 12.72 1.79
CA GLN A 14 -7.93 12.05 2.10
C GLN A 14 -8.09 11.75 3.61
N GLN A 15 -7.00 11.75 4.38
CA GLN A 15 -6.99 11.47 5.83
C GLN A 15 -7.65 12.64 6.58
N GLU A 16 -7.34 13.88 6.16
CA GLU A 16 -7.96 15.11 6.66
C GLU A 16 -9.46 15.12 6.29
N LYS A 17 -9.79 14.66 5.07
CA LYS A 17 -11.13 14.48 4.53
C LYS A 17 -11.84 13.21 5.09
N ASN A 18 -11.30 12.61 6.15
CA ASN A 18 -11.91 11.57 6.99
C ASN A 18 -11.95 12.07 8.43
N GLU A 19 -10.82 12.59 8.94
CA GLU A 19 -10.64 13.19 10.26
C GLU A 19 -11.67 14.31 10.56
N GLN A 20 -11.87 15.23 9.61
CA GLN A 20 -12.84 16.34 9.74
C GLN A 20 -14.29 15.81 9.81
N GLU A 21 -14.58 14.72 9.09
CA GLU A 21 -15.88 14.07 9.08
C GLU A 21 -16.08 13.30 10.39
N LEU A 22 -15.04 12.61 10.89
CA LEU A 22 -15.06 11.85 12.15
C LEU A 22 -15.24 12.78 13.36
N LEU A 23 -14.70 14.00 13.28
CA LEU A 23 -14.85 15.06 14.28
C LEU A 23 -16.27 15.67 14.22
N GLU A 24 -16.85 15.82 13.03
CA GLU A 24 -18.21 16.33 12.81
C GLU A 24 -19.26 15.29 13.26
N LEU A 25 -19.10 14.04 12.82
CA LEU A 25 -20.04 12.94 13.00
C LEU A 25 -19.69 12.12 14.26
N ASP A 26 -19.13 12.76 15.29
CA ASP A 26 -18.61 12.14 16.51
C ASP A 26 -19.71 11.45 17.37
N GLY A 27 -20.98 11.63 17.02
CA GLY A 27 -22.15 11.05 17.67
C GLY A 27 -23.02 10.19 16.75
N ASP A 28 -22.60 9.87 15.51
CA ASP A 28 -23.38 9.06 14.57
C ASP A 28 -22.47 8.14 13.74
N GLY A 29 -22.88 6.88 13.59
CA GLY A 29 -22.15 5.83 12.89
C GLY A 29 -21.72 4.73 13.87
N PRO A 30 -21.31 3.55 13.37
CA PRO A 30 -20.75 2.48 14.22
C PRO A 30 -19.31 2.81 14.66
N GLN A 31 -18.87 2.17 15.74
CA GLN A 31 -17.61 2.38 16.45
C GLN A 31 -16.36 2.19 15.56
N LEU A 32 -16.49 1.33 14.53
CA LEU A 32 -15.50 0.95 13.54
C LEU A 32 -14.71 2.10 12.92
N LEU A 33 -15.37 3.23 12.63
CA LEU A 33 -14.74 4.37 11.97
C LEU A 33 -13.69 5.06 12.86
N SER A 34 -13.75 4.91 14.19
CA SER A 34 -12.71 5.40 15.10
C SER A 34 -11.43 4.52 15.06
N GLY A 35 -11.50 3.33 14.47
CA GLY A 35 -10.40 2.39 14.34
C GLY A 35 -9.90 2.35 12.91
N ILE A 36 -10.82 2.30 11.92
CA ILE A 36 -10.58 2.34 10.48
C ILE A 36 -9.80 3.59 10.05
N VAL A 37 -10.23 4.79 10.45
CA VAL A 37 -9.61 6.06 10.06
C VAL A 37 -8.16 6.18 10.60
N GLN A 38 -7.89 5.58 11.76
CA GLN A 38 -6.55 5.42 12.30
C GLN A 38 -5.77 4.35 11.51
N GLN A 39 -6.38 3.19 11.25
CA GLN A 39 -5.74 2.04 10.62
C GLN A 39 -5.36 2.32 9.15
N GLN A 40 -6.18 3.05 8.39
CA GLN A 40 -5.86 3.45 7.02
C GLN A 40 -4.82 4.59 6.98
N ASN A 41 -4.54 5.25 8.12
CA ASN A 41 -3.42 6.18 8.29
C ASN A 41 -2.15 5.36 8.55
N ASN A 42 -2.24 4.28 9.36
CA ASN A 42 -1.13 3.34 9.62
C ASN A 42 -0.73 2.61 8.32
N LEU A 43 -1.72 2.27 7.49
CA LEU A 43 -1.58 1.71 6.13
C LEU A 43 -0.84 2.71 5.22
N LEU A 44 -1.28 3.98 5.17
CA LEU A 44 -0.66 5.06 4.41
C LEU A 44 0.79 5.30 4.84
N ARG A 45 1.04 5.36 6.16
CA ARG A 45 2.37 5.53 6.75
C ARG A 45 3.30 4.37 6.38
N ALA A 46 2.78 3.12 6.37
CA ALA A 46 3.52 1.95 5.92
C ALA A 46 3.85 2.04 4.41
N ILE A 47 2.91 2.44 3.56
CA ILE A 47 3.12 2.68 2.13
C ILE A 47 4.18 3.77 1.89
N GLU A 48 4.07 4.94 2.52
CA GLU A 48 5.00 6.06 2.34
C GLU A 48 6.42 5.70 2.86
N ALA A 49 6.50 4.97 3.97
CA ALA A 49 7.75 4.47 4.53
C ALA A 49 8.36 3.36 3.64
N GLN A 50 7.54 2.53 2.97
CA GLN A 50 8.00 1.56 1.97
C GLN A 50 8.41 2.26 0.67
N GLN A 51 7.73 3.33 0.26
CA GLN A 51 8.06 4.14 -0.92
C GLN A 51 9.49 4.71 -0.82
N HIS A 52 9.94 5.08 0.39
CA HIS A 52 11.33 5.42 0.69
C HIS A 52 12.32 4.29 0.31
N LEU A 53 11.98 3.02 0.57
CA LEU A 53 12.81 1.87 0.17
C LEU A 53 12.77 1.65 -1.35
N LEU A 54 11.62 1.85 -2.01
CA LEU A 54 11.50 1.77 -3.47
C LEU A 54 12.38 2.84 -4.16
N GLN A 55 12.32 4.08 -3.65
CA GLN A 55 13.13 5.20 -4.14
C GLN A 55 14.63 4.98 -3.83
N LEU A 56 14.95 4.34 -2.70
CA LEU A 56 16.31 3.97 -2.31
C LEU A 56 16.88 2.85 -3.21
N THR A 57 16.12 1.79 -3.50
CA THR A 57 16.62 0.69 -4.33
C THR A 57 16.59 1.03 -5.84
N VAL A 58 15.66 1.90 -6.33
CA VAL A 58 15.71 2.38 -7.72
C VAL A 58 16.90 3.34 -7.94
N TRP A 59 17.28 4.13 -6.91
CA TRP A 59 18.52 4.90 -6.86
C TRP A 59 19.72 3.94 -6.81
N GLY A 60 19.68 2.97 -5.88
CA GLY A 60 20.52 1.77 -5.79
C GLY A 60 20.92 1.17 -7.14
N ILE A 61 19.91 0.76 -7.92
CA ILE A 61 20.02 0.21 -9.27
C ILE A 61 20.80 1.17 -10.23
N LYS A 62 20.48 2.47 -10.22
CA LYS A 62 21.17 3.47 -11.04
C LYS A 62 22.63 3.67 -10.61
N GLN A 63 22.91 3.64 -9.29
CA GLN A 63 24.26 3.75 -8.74
C GLN A 63 25.10 2.50 -9.04
N LEU A 64 24.49 1.30 -9.06
CA LEU A 64 25.11 0.06 -9.52
C LEU A 64 25.37 0.13 -11.04
N GLN A 65 24.36 0.56 -11.82
CA GLN A 65 24.42 0.73 -13.27
C GLN A 65 25.56 1.67 -13.70
N ALA A 66 25.69 2.81 -13.02
CA ALA A 66 26.73 3.82 -13.26
C ALA A 66 28.15 3.31 -13.02
N ARG A 67 28.33 2.33 -12.13
CA ARG A 67 29.62 1.72 -11.83
C ARG A 67 30.00 0.70 -12.93
N ILE A 68 29.11 -0.22 -13.32
CA ILE A 68 29.38 -1.17 -14.41
C ILE A 68 29.47 -0.47 -15.78
N LEU A 69 28.82 0.69 -15.95
CA LEU A 69 28.94 1.57 -17.12
C LEU A 69 30.36 2.15 -17.30
N ALA A 70 31.21 2.14 -16.26
CA ALA A 70 32.62 2.51 -16.35
C ALA A 70 33.51 1.31 -16.74
N VAL A 71 32.98 0.07 -16.69
CA VAL A 71 33.70 -1.16 -17.02
C VAL A 71 33.38 -1.54 -18.47
N GLU A 72 32.10 -1.52 -18.85
CA GLU A 72 31.59 -1.90 -20.16
C GLU A 72 31.75 -0.76 -21.18
N THR B 1 10.72 -3.27 5.09
CA THR B 1 11.26 -4.40 5.85
C THR B 1 11.45 -4.02 7.34
N SER B 2 12.71 -3.89 7.81
CA SER B 2 13.16 -3.72 9.20
C SER B 2 12.25 -2.88 10.12
N LEU B 3 12.24 -1.55 9.95
CA LEU B 3 11.41 -0.63 10.75
C LEU B 3 9.93 -0.71 10.31
N ILE B 4 9.68 -0.97 9.02
CA ILE B 4 8.38 -1.01 8.37
C ILE B 4 7.45 -2.06 9.02
N HIS B 5 8.01 -3.18 9.47
CA HIS B 5 7.35 -4.22 10.27
C HIS B 5 6.59 -3.70 11.49
N SER B 6 7.04 -2.60 12.13
CA SER B 6 6.39 -1.98 13.26
C SER B 6 5.13 -1.20 12.81
N LEU B 7 5.20 -0.51 11.65
CA LEU B 7 4.08 0.24 11.08
C LEU B 7 3.03 -0.72 10.49
N ILE B 8 3.49 -1.82 9.88
CA ILE B 8 2.69 -2.94 9.41
C ILE B 8 1.98 -3.63 10.58
N GLU B 9 2.69 -3.93 11.69
CA GLU B 9 2.16 -4.44 12.96
C GLU B 9 1.03 -3.55 13.51
N GLU B 10 1.31 -2.24 13.61
CA GLU B 10 0.39 -1.19 14.07
C GLU B 10 -0.85 -1.08 13.16
N SER B 11 -0.70 -1.30 11.85
CA SER B 11 -1.80 -1.35 10.89
C SER B 11 -2.59 -2.67 11.05
N GLN B 12 -1.94 -3.83 10.89
CA GLN B 12 -2.59 -5.14 10.78
C GLN B 12 -3.30 -5.55 12.07
N ASN B 13 -2.72 -5.30 13.25
CA ASN B 13 -3.32 -5.67 14.54
C ASN B 13 -4.62 -4.87 14.78
N GLN B 14 -4.66 -3.62 14.34
CA GLN B 14 -5.84 -2.77 14.41
C GLN B 14 -6.83 -3.09 13.26
N GLN B 15 -6.35 -3.59 12.11
CA GLN B 15 -7.20 -4.08 11.01
C GLN B 15 -7.92 -5.37 11.46
N GLU B 16 -7.22 -6.28 12.13
CA GLU B 16 -7.76 -7.49 12.76
C GLU B 16 -8.76 -7.14 13.88
N LYS B 17 -8.52 -6.03 14.61
CA LYS B 17 -9.46 -5.49 15.60
C LYS B 17 -10.72 -4.91 14.91
N ASN B 18 -10.58 -4.25 13.76
CA ASN B 18 -11.70 -3.75 12.95
C ASN B 18 -12.53 -4.92 12.38
N GLU B 19 -11.88 -6.02 11.97
CA GLU B 19 -12.55 -7.26 11.57
C GLU B 19 -13.30 -7.88 12.76
N GLN B 20 -12.67 -7.94 13.95
CA GLN B 20 -13.28 -8.43 15.20
C GLN B 20 -14.53 -7.62 15.57
N GLU B 21 -14.44 -6.29 15.52
CA GLU B 21 -15.54 -5.39 15.86
C GLU B 21 -16.68 -5.50 14.83
N LEU B 22 -16.39 -5.73 13.54
CA LEU B 22 -17.40 -5.97 12.51
C LEU B 22 -18.12 -7.30 12.76
N LEU B 23 -17.40 -8.33 13.20
CA LEU B 23 -17.94 -9.61 13.67
C LEU B 23 -18.65 -9.52 15.05
N GLU B 24 -18.80 -8.31 15.60
CA GLU B 24 -19.63 -7.97 16.75
C GLU B 24 -20.66 -6.87 16.39
N LEU B 25 -20.72 -6.44 15.12
CA LEU B 25 -21.53 -5.34 14.60
C LEU B 25 -22.17 -5.75 13.26
N ASP B 26 -22.55 -7.02 13.12
CA ASP B 26 -23.01 -7.74 11.92
C ASP B 26 -24.35 -7.20 11.35
N GLY B 27 -24.37 -5.94 10.93
CA GLY B 27 -25.53 -5.21 10.42
C GLY B 27 -25.92 -4.03 11.32
N ASP B 28 -25.18 -3.83 12.42
CA ASP B 28 -25.37 -2.74 13.39
C ASP B 28 -24.69 -1.47 12.86
N GLY B 29 -25.25 -0.91 11.79
CA GLY B 29 -24.72 0.20 11.02
C GLY B 29 -24.72 -0.12 9.52
N PRO B 30 -24.25 0.82 8.66
CA PRO B 30 -24.24 0.71 7.20
C PRO B 30 -23.58 -0.58 6.67
N GLN B 31 -24.14 -1.15 5.59
CA GLN B 31 -23.65 -2.32 4.85
C GLN B 31 -22.19 -2.18 4.38
N LEU B 32 -21.76 -0.92 4.15
CA LEU B 32 -20.40 -0.48 3.84
C LEU B 32 -19.35 -1.09 4.78
N LEU B 33 -19.63 -1.16 6.09
CA LEU B 33 -18.69 -1.64 7.09
C LEU B 33 -18.30 -3.12 6.90
N SER B 34 -19.17 -3.93 6.26
CA SER B 34 -18.90 -5.32 5.91
C SER B 34 -18.10 -5.43 4.60
N GLY B 35 -17.88 -4.33 3.87
CA GLY B 35 -17.10 -4.27 2.64
C GLY B 35 -15.80 -3.49 2.86
N ILE B 36 -15.80 -2.52 3.77
CA ILE B 36 -14.66 -1.73 4.24
C ILE B 36 -13.57 -2.64 4.83
N VAL B 37 -13.88 -3.43 5.88
CA VAL B 37 -12.92 -4.30 6.56
C VAL B 37 -12.23 -5.30 5.60
N GLN B 38 -13.03 -5.86 4.68
CA GLN B 38 -12.63 -6.84 3.69
C GLN B 38 -11.81 -6.20 2.55
N GLN B 39 -11.95 -4.89 2.32
CA GLN B 39 -11.12 -4.12 1.41
C GLN B 39 -9.80 -3.75 2.08
N GLN B 40 -9.84 -3.23 3.33
CA GLN B 40 -8.66 -2.90 4.14
C GLN B 40 -7.72 -4.11 4.33
N ASN B 41 -8.31 -5.29 4.52
CA ASN B 41 -7.67 -6.61 4.52
C ASN B 41 -6.85 -6.87 3.25
N ASN B 42 -7.44 -6.60 2.07
CA ASN B 42 -6.81 -6.88 0.78
C ASN B 42 -5.75 -5.84 0.41
N LEU B 43 -5.98 -4.56 0.75
CA LEU B 43 -5.01 -3.47 0.62
C LEU B 43 -3.76 -3.74 1.49
N LEU B 44 -3.97 -4.22 2.73
CA LEU B 44 -2.95 -4.64 3.67
C LEU B 44 -2.19 -5.88 3.15
N ARG B 45 -2.88 -6.92 2.70
CA ARG B 45 -2.28 -8.15 2.16
C ARG B 45 -1.43 -7.89 0.92
N ALA B 46 -1.89 -7.01 0.01
CA ALA B 46 -1.15 -6.55 -1.17
C ALA B 46 0.20 -5.94 -0.78
N ILE B 47 0.17 -4.98 0.16
CA ILE B 47 1.32 -4.31 0.74
C ILE B 47 2.25 -5.27 1.52
N GLU B 48 1.71 -6.21 2.29
CA GLU B 48 2.48 -7.21 3.04
C GLU B 48 3.23 -8.16 2.10
N ALA B 49 2.55 -8.67 1.06
CA ALA B 49 3.15 -9.54 0.04
C ALA B 49 4.22 -8.79 -0.78
N GLN B 50 3.91 -7.55 -1.19
CA GLN B 50 4.83 -6.62 -1.84
C GLN B 50 6.10 -6.33 -1.02
N GLN B 51 6.02 -6.35 0.32
CA GLN B 51 7.15 -6.14 1.21
C GLN B 51 8.22 -7.26 1.07
N HIS B 52 7.81 -8.48 0.70
CA HIS B 52 8.71 -9.61 0.45
C HIS B 52 9.43 -9.42 -0.90
N LEU B 53 8.76 -8.89 -1.93
CA LEU B 53 9.37 -8.56 -3.21
C LEU B 53 10.29 -7.33 -3.07
N LEU B 54 9.90 -6.36 -2.23
CA LEU B 54 10.68 -5.17 -1.87
C LEU B 54 12.00 -5.55 -1.20
N GLN B 55 11.96 -6.52 -0.27
CA GLN B 55 13.14 -7.12 0.37
C GLN B 55 14.09 -7.77 -0.65
N LEU B 56 13.54 -8.32 -1.74
CA LEU B 56 14.29 -8.92 -2.84
C LEU B 56 15.02 -7.85 -3.67
N THR B 57 14.53 -6.60 -3.74
CA THR B 57 15.25 -5.50 -4.42
C THR B 57 16.49 -5.10 -3.59
N VAL B 58 16.37 -5.06 -2.25
CA VAL B 58 17.45 -4.83 -1.29
C VAL B 58 18.47 -5.97 -1.37
N TRP B 59 18.02 -7.23 -1.31
CA TRP B 59 18.84 -8.43 -1.47
C TRP B 59 19.28 -8.72 -2.91
N GLY B 60 18.99 -7.80 -3.84
CA GLY B 60 19.40 -7.85 -5.22
C GLY B 60 20.58 -6.88 -5.37
N ILE B 61 20.38 -5.59 -5.10
CA ILE B 61 21.45 -4.58 -5.12
C ILE B 61 22.61 -4.90 -4.15
N LYS B 62 22.32 -5.50 -2.98
CA LYS B 62 23.29 -5.92 -1.97
C LYS B 62 24.19 -7.07 -2.46
N GLN B 63 23.69 -7.94 -3.34
CA GLN B 63 24.44 -9.04 -3.94
C GLN B 63 25.18 -8.52 -5.19
N LEU B 64 24.47 -7.84 -6.09
CA LEU B 64 24.96 -7.45 -7.40
C LEU B 64 26.10 -6.42 -7.35
N GLN B 65 26.14 -5.57 -6.31
CA GLN B 65 27.26 -4.66 -6.03
C GLN B 65 28.59 -5.40 -5.83
N ALA B 66 28.55 -6.58 -5.21
CA ALA B 66 29.72 -7.41 -4.93
C ALA B 66 30.19 -8.17 -6.19
N ARG B 67 29.30 -8.35 -7.17
CA ARG B 67 29.64 -8.91 -8.47
C ARG B 67 30.29 -7.84 -9.36
N ILE B 68 29.79 -6.58 -9.30
CA ILE B 68 30.39 -5.43 -9.99
C ILE B 68 31.80 -5.15 -9.42
N LEU B 69 32.00 -5.29 -8.09
CA LEU B 69 33.30 -5.19 -7.42
C LEU B 69 34.35 -6.26 -7.85
N ALA B 70 33.98 -7.25 -8.67
CA ALA B 70 34.93 -8.17 -9.29
C ALA B 70 35.62 -7.54 -10.51
N VAL B 71 35.09 -6.43 -11.04
CA VAL B 71 35.54 -5.76 -12.26
C VAL B 71 35.62 -4.23 -12.10
N GLU B 72 35.43 -3.71 -10.88
CA GLU B 72 35.42 -2.29 -10.52
C GLU B 72 36.00 -2.10 -9.12
N THR C 1 5.37 -12.46 -9.12
CA THR C 1 4.41 -11.34 -9.14
C THR C 1 2.94 -11.84 -9.02
N SER C 2 2.66 -13.15 -9.13
CA SER C 2 1.29 -13.66 -9.32
C SER C 2 0.39 -13.44 -8.10
N LEU C 3 0.98 -13.50 -6.90
CA LEU C 3 0.34 -13.23 -5.62
C LEU C 3 0.00 -11.73 -5.48
N ILE C 4 0.96 -10.81 -5.61
CA ILE C 4 0.71 -9.38 -5.45
C ILE C 4 -0.36 -8.85 -6.42
N HIS C 5 -0.36 -9.35 -7.67
CA HIS C 5 -1.42 -9.12 -8.66
C HIS C 5 -2.78 -9.59 -8.16
N SER C 6 -2.89 -10.83 -7.64
CA SER C 6 -4.11 -11.42 -7.05
C SER C 6 -4.68 -10.59 -5.90
N LEU C 7 -3.84 -9.97 -5.07
CA LEU C 7 -4.27 -9.16 -3.94
C LEU C 7 -4.73 -7.76 -4.41
N ILE C 8 -4.14 -7.22 -5.48
CA ILE C 8 -4.59 -5.99 -6.14
C ILE C 8 -5.90 -6.24 -6.92
N GLU C 9 -6.03 -7.40 -7.59
CA GLU C 9 -7.21 -7.90 -8.27
C GLU C 9 -8.39 -8.11 -7.30
N GLU C 10 -8.13 -8.60 -6.08
CA GLU C 10 -9.12 -8.64 -4.99
C GLU C 10 -9.44 -7.24 -4.46
N SER C 11 -8.45 -6.33 -4.36
CA SER C 11 -8.65 -4.96 -3.89
C SER C 11 -9.53 -4.15 -4.85
N GLN C 12 -9.35 -4.27 -6.18
CA GLN C 12 -10.17 -3.56 -7.16
C GLN C 12 -11.62 -4.10 -7.17
N ASN C 13 -11.81 -5.41 -7.02
CA ASN C 13 -13.11 -6.08 -6.91
C ASN C 13 -13.87 -5.64 -5.65
N GLN C 14 -13.18 -5.48 -4.51
CA GLN C 14 -13.79 -5.03 -3.26
C GLN C 14 -14.04 -3.51 -3.28
N GLN C 15 -13.13 -2.71 -3.87
CA GLN C 15 -13.26 -1.27 -4.10
C GLN C 15 -14.51 -0.91 -4.91
N GLU C 16 -14.72 -1.60 -6.04
CA GLU C 16 -15.87 -1.46 -6.92
C GLU C 16 -17.18 -1.84 -6.22
N LYS C 17 -17.16 -2.91 -5.41
CA LYS C 17 -18.28 -3.36 -4.58
C LYS C 17 -18.70 -2.30 -3.56
N ASN C 18 -17.71 -1.73 -2.83
CA ASN C 18 -17.84 -0.61 -1.89
C ASN C 18 -18.53 0.62 -2.52
N GLU C 19 -18.11 1.00 -3.73
CA GLU C 19 -18.70 2.11 -4.48
C GLU C 19 -20.16 1.82 -4.90
N GLN C 20 -20.45 0.60 -5.38
CA GLN C 20 -21.80 0.16 -5.75
C GLN C 20 -22.80 0.19 -4.58
N GLU C 21 -22.40 -0.35 -3.42
CA GLU C 21 -23.23 -0.42 -2.23
C GLU C 21 -23.30 0.93 -1.47
N LEU C 22 -22.38 1.88 -1.76
CA LEU C 22 -22.47 3.28 -1.33
C LEU C 22 -23.55 3.99 -2.16
N LEU C 23 -23.54 3.80 -3.48
CA LEU C 23 -24.46 4.35 -4.46
C LEU C 23 -25.91 3.87 -4.27
N GLU C 24 -26.09 2.62 -3.81
CA GLU C 24 -27.37 2.02 -3.42
C GLU C 24 -28.03 2.72 -2.23
N LEU C 25 -27.23 3.33 -1.33
CA LEU C 25 -27.66 4.05 -0.13
C LEU C 25 -27.90 5.54 -0.49
N ASP C 26 -28.86 5.79 -1.38
CA ASP C 26 -29.26 7.10 -1.89
C ASP C 26 -30.01 7.91 -0.82
N GLY C 27 -29.27 8.72 -0.05
CA GLY C 27 -29.80 9.56 1.00
C GLY C 27 -28.69 10.39 1.61
N ASP C 28 -28.21 9.95 2.78
CA ASP C 28 -27.32 10.63 3.70
C ASP C 28 -26.85 9.58 4.73
N GLY C 29 -26.53 9.99 5.94
CA GLY C 29 -25.98 9.16 7.02
C GLY C 29 -24.61 9.74 7.43
N PRO C 30 -23.71 8.94 8.02
CA PRO C 30 -22.37 9.42 8.37
C PRO C 30 -21.52 9.56 7.08
N GLN C 31 -21.33 10.80 6.60
CA GLN C 31 -20.53 11.15 5.42
C GLN C 31 -19.01 10.83 5.53
N LEU C 32 -18.61 10.13 6.59
CA LEU C 32 -17.38 9.35 6.72
C LEU C 32 -17.35 8.24 5.64
N LEU C 33 -18.52 7.67 5.28
CA LEU C 33 -18.67 6.71 4.18
C LEU C 33 -18.22 7.29 2.83
N SER C 34 -18.48 8.58 2.61
CA SER C 34 -18.08 9.36 1.43
C SER C 34 -16.60 9.79 1.50
N GLY C 35 -15.87 9.40 2.56
CA GLY C 35 -14.45 9.65 2.76
C GLY C 35 -13.67 8.33 2.75
N ILE C 36 -14.18 7.28 3.40
CA ILE C 36 -13.49 6.01 3.60
C ILE C 36 -13.48 5.18 2.29
N VAL C 37 -14.56 5.23 1.48
CA VAL C 37 -14.59 4.61 0.15
C VAL C 37 -13.60 5.33 -0.79
N GLN C 38 -13.43 6.65 -0.62
CA GLN C 38 -12.49 7.45 -1.40
C GLN C 38 -11.04 7.29 -0.91
N GLN C 39 -10.83 6.91 0.37
CA GLN C 39 -9.55 6.42 0.86
C GLN C 39 -9.21 5.10 0.18
N GLN C 40 -10.15 4.14 0.17
CA GLN C 40 -10.00 2.82 -0.42
C GLN C 40 -9.77 2.87 -1.95
N ASN C 41 -10.29 3.90 -2.63
CA ASN C 41 -9.95 4.24 -4.02
C ASN C 41 -8.49 4.72 -4.11
N ASN C 42 -8.09 5.67 -3.27
CA ASN C 42 -6.76 6.29 -3.28
C ASN C 42 -5.65 5.33 -2.78
N LEU C 43 -5.93 4.46 -1.81
CA LEU C 43 -5.04 3.39 -1.36
C LEU C 43 -4.80 2.39 -2.49
N LEU C 44 -5.84 2.01 -3.25
CA LEU C 44 -5.74 1.16 -4.44
C LEU C 44 -4.84 1.81 -5.52
N ARG C 45 -4.99 3.11 -5.76
CA ARG C 45 -4.15 3.88 -6.69
C ARG C 45 -2.69 4.00 -6.20
N ALA C 46 -2.47 4.17 -4.89
CA ALA C 46 -1.15 4.21 -4.28
C ALA C 46 -0.42 2.88 -4.42
N ILE C 47 -1.11 1.75 -4.16
CA ILE C 47 -0.59 0.40 -4.37
C ILE C 47 -0.35 0.14 -5.87
N GLU C 48 -1.30 0.49 -6.75
CA GLU C 48 -1.19 0.36 -8.21
C GLU C 48 0.01 1.14 -8.79
N ALA C 49 0.32 2.33 -8.25
CA ALA C 49 1.51 3.08 -8.62
C ALA C 49 2.78 2.40 -8.07
N GLN C 50 2.79 2.08 -6.77
CA GLN C 50 3.95 1.50 -6.08
C GLN C 50 4.31 0.10 -6.59
N GLN C 51 3.33 -0.74 -6.95
CA GLN C 51 3.57 -2.09 -7.48
C GLN C 51 4.19 -2.07 -8.89
N HIS C 52 4.04 -0.98 -9.65
CA HIS C 52 4.74 -0.79 -10.92
C HIS C 52 6.20 -0.39 -10.67
N LEU C 53 6.47 0.45 -9.65
CA LEU C 53 7.83 0.80 -9.23
C LEU C 53 8.55 -0.42 -8.59
N LEU C 54 7.81 -1.26 -7.88
CA LEU C 54 8.21 -2.58 -7.37
C LEU C 54 8.62 -3.49 -8.54
N GLN C 55 7.74 -3.66 -9.54
CA GLN C 55 8.03 -4.50 -10.71
C GLN C 55 9.21 -3.96 -11.52
N LEU C 56 9.38 -2.62 -11.60
CA LEU C 56 10.50 -1.95 -12.24
C LEU C 56 11.82 -2.21 -11.48
N THR C 57 11.83 -2.09 -10.14
CA THR C 57 13.01 -2.37 -9.32
C THR C 57 13.39 -3.87 -9.31
N VAL C 58 12.40 -4.78 -9.26
CA VAL C 58 12.59 -6.23 -9.42
C VAL C 58 13.12 -6.58 -10.82
N TRP C 59 12.66 -5.89 -11.88
CA TRP C 59 13.18 -6.04 -13.25
C TRP C 59 14.57 -5.40 -13.39
N GLY C 60 14.88 -4.36 -12.60
CA GLY C 60 16.10 -3.57 -12.73
C GLY C 60 17.31 -4.27 -12.11
N ILE C 61 17.11 -5.04 -11.03
CA ILE C 61 18.14 -5.97 -10.52
C ILE C 61 18.37 -7.13 -11.52
N LYS C 62 17.35 -7.56 -12.27
CA LYS C 62 17.48 -8.61 -13.29
C LYS C 62 18.22 -8.06 -14.53
N GLN C 63 17.98 -6.79 -14.91
CA GLN C 63 18.72 -6.09 -15.96
C GLN C 63 20.20 -5.90 -15.58
N LEU C 64 20.48 -5.57 -14.30
CA LEU C 64 21.84 -5.52 -13.76
C LEU C 64 22.49 -6.91 -13.76
N GLN C 65 21.79 -7.96 -13.31
CA GLN C 65 22.24 -9.35 -13.35
C GLN C 65 22.61 -9.79 -14.78
N ALA C 66 21.77 -9.49 -15.77
CA ALA C 66 22.02 -9.77 -17.18
C ALA C 66 23.24 -9.00 -17.72
N ARG C 67 23.41 -7.74 -17.31
CA ARG C 67 24.53 -6.87 -17.67
C ARG C 67 25.83 -7.37 -17.03
N ILE C 68 25.79 -7.75 -15.74
CA ILE C 68 26.89 -8.38 -14.99
C ILE C 68 27.33 -9.70 -15.66
N LEU C 69 26.39 -10.56 -16.07
CA LEU C 69 26.68 -11.81 -16.78
C LEU C 69 27.21 -11.60 -18.21
N ALA C 70 26.95 -10.43 -18.82
CA ALA C 70 27.47 -10.08 -20.15
C ALA C 70 28.89 -9.48 -20.06
N VAL C 71 29.16 -8.66 -19.03
CA VAL C 71 30.46 -8.03 -18.80
C VAL C 71 31.44 -9.02 -18.14
N GLU C 72 30.96 -9.84 -17.20
CA GLU C 72 31.67 -10.86 -16.43
C GLU C 72 32.53 -10.25 -15.33
N THR A 1 6.06 14.23 -9.59
CA THR A 1 5.10 13.26 -9.07
C THR A 1 5.45 11.82 -9.51
N SER A 2 6.00 11.65 -10.72
CA SER A 2 6.23 10.40 -11.47
C SER A 2 4.89 9.75 -11.86
N LEU A 3 4.12 9.35 -10.84
CA LEU A 3 2.71 8.99 -10.83
C LEU A 3 2.28 9.10 -9.37
N ILE A 4 2.89 8.22 -8.55
CA ILE A 4 2.67 7.88 -7.13
C ILE A 4 2.22 9.03 -6.22
N HIS A 5 2.97 10.14 -6.26
CA HIS A 5 2.89 11.21 -5.25
C HIS A 5 1.56 11.97 -5.30
N SER A 6 0.94 12.08 -6.49
CA SER A 6 -0.38 12.69 -6.68
C SER A 6 -1.49 11.88 -5.98
N LEU A 7 -1.43 10.54 -6.00
CA LEU A 7 -2.39 9.65 -5.36
C LEU A 7 -2.23 9.72 -3.83
N ILE A 8 -0.98 9.72 -3.34
CA ILE A 8 -0.62 9.87 -1.93
C ILE A 8 -1.07 11.25 -1.40
N GLU A 9 -0.86 12.33 -2.17
CA GLU A 9 -1.29 13.70 -1.87
C GLU A 9 -2.82 13.83 -1.75
N GLU A 10 -3.58 13.24 -2.71
CA GLU A 10 -5.04 13.22 -2.68
C GLU A 10 -5.56 12.35 -1.52
N SER A 11 -4.88 11.24 -1.19
CA SER A 11 -5.18 10.39 -0.04
C SER A 11 -4.97 11.18 1.28
N GLN A 12 -3.85 11.91 1.41
CA GLN A 12 -3.52 12.73 2.58
C GLN A 12 -4.52 13.90 2.78
N ASN A 13 -5.00 14.49 1.68
CA ASN A 13 -6.05 15.52 1.69
C ASN A 13 -7.43 14.92 2.06
N GLN A 14 -7.69 13.65 1.73
CA GLN A 14 -8.90 12.95 2.12
C GLN A 14 -8.85 12.54 3.61
N GLN A 15 -7.66 12.26 4.18
CA GLN A 15 -7.48 11.99 5.61
C GLN A 15 -7.79 13.25 6.45
N GLU A 16 -7.36 14.42 5.97
CA GLU A 16 -7.66 15.74 6.52
C GLU A 16 -9.18 16.01 6.53
N LYS A 17 -9.88 15.59 5.47
CA LYS A 17 -11.34 15.67 5.33
C LYS A 17 -12.02 14.67 6.30
N ASN A 18 -11.61 13.40 6.30
CA ASN A 18 -12.17 12.35 7.16
C ASN A 18 -12.01 12.63 8.66
N GLU A 19 -10.91 13.27 9.07
CA GLU A 19 -10.67 13.72 10.43
C GLU A 19 -11.72 14.76 10.90
N GLN A 20 -11.98 15.81 10.12
CA GLN A 20 -12.96 16.84 10.47
C GLN A 20 -14.41 16.33 10.38
N GLU A 21 -14.69 15.35 9.50
CA GLU A 21 -15.99 14.66 9.44
C GLU A 21 -16.19 13.81 10.71
N LEU A 22 -15.17 13.01 11.12
CA LEU A 22 -15.18 12.21 12.35
C LEU A 22 -15.28 13.06 13.63
N LEU A 23 -14.68 14.26 13.63
CA LEU A 23 -14.73 15.22 14.73
C LEU A 23 -16.13 15.82 14.90
N GLU A 24 -16.86 16.06 13.79
CA GLU A 24 -18.23 16.59 13.80
C GLU A 24 -19.26 15.48 14.07
N LEU A 25 -19.09 14.31 13.45
CA LEU A 25 -19.96 13.14 13.54
C LEU A 25 -19.41 12.18 14.62
N ASP A 26 -19.12 12.70 15.81
CA ASP A 26 -18.47 11.98 16.92
C ASP A 26 -19.50 11.28 17.84
N GLY A 27 -20.80 11.53 17.65
CA GLY A 27 -21.87 11.15 18.58
C GLY A 27 -22.83 10.09 18.04
N ASP A 28 -22.69 9.66 16.79
CA ASP A 28 -23.47 8.60 16.14
C ASP A 28 -22.60 7.91 15.09
N GLY A 29 -22.89 6.63 14.82
CA GLY A 29 -22.15 5.73 13.93
C GLY A 29 -21.54 4.57 14.73
N PRO A 30 -21.00 3.53 14.05
CA PRO A 30 -20.36 2.40 14.71
C PRO A 30 -18.96 2.79 15.25
N GLN A 31 -18.55 2.15 16.35
CA GLN A 31 -17.25 2.34 17.03
C GLN A 31 -16.07 1.95 16.12
N LEU A 32 -16.33 1.00 15.20
CA LEU A 32 -15.48 0.50 14.13
C LEU A 32 -14.90 1.64 13.27
N LEU A 33 -15.74 2.62 12.92
CA LEU A 33 -15.43 3.75 12.03
C LEU A 33 -14.28 4.62 12.57
N SER A 34 -14.24 4.82 13.90
CA SER A 34 -13.19 5.56 14.60
C SER A 34 -11.83 4.83 14.64
N GLY A 35 -11.79 3.56 14.21
CA GLY A 35 -10.61 2.73 14.13
C GLY A 35 -10.15 2.61 12.67
N ILE A 36 -11.08 2.53 11.71
CA ILE A 36 -10.84 2.55 10.26
C ILE A 36 -10.04 3.79 9.83
N VAL A 37 -10.48 5.00 10.21
CA VAL A 37 -9.85 6.29 9.88
C VAL A 37 -8.36 6.36 10.29
N GLN A 38 -8.00 5.72 11.41
CA GLN A 38 -6.64 5.61 11.91
C GLN A 38 -5.90 4.44 11.21
N GLN A 39 -6.52 3.28 11.05
CA GLN A 39 -5.93 2.08 10.46
C GLN A 39 -5.61 2.28 8.96
N GLN A 40 -6.47 2.97 8.21
CA GLN A 40 -6.23 3.27 6.80
C GLN A 40 -5.21 4.41 6.62
N ASN A 41 -4.95 5.22 7.66
CA ASN A 41 -3.84 6.17 7.70
C ASN A 41 -2.52 5.40 7.93
N ASN A 42 -2.55 4.30 8.70
CA ASN A 42 -1.40 3.39 8.86
C ASN A 42 -1.11 2.62 7.56
N LEU A 43 -2.13 2.38 6.71
CA LEU A 43 -2.00 1.84 5.36
C LEU A 43 -1.32 2.89 4.44
N LEU A 44 -1.75 4.16 4.52
CA LEU A 44 -1.15 5.31 3.82
C LEU A 44 0.34 5.48 4.21
N ARG A 45 0.62 5.44 5.51
CA ARG A 45 1.95 5.44 6.12
C ARG A 45 2.84 4.30 5.61
N ALA A 46 2.28 3.09 5.45
CA ALA A 46 2.98 1.92 4.92
C ALA A 46 3.29 2.09 3.41
N ILE A 47 2.33 2.58 2.62
CA ILE A 47 2.50 2.96 1.20
C ILE A 47 3.64 4.00 1.05
N GLU A 48 3.60 5.07 1.84
CA GLU A 48 4.61 6.14 1.93
C GLU A 48 6.00 5.60 2.32
N ALA A 49 6.07 4.70 3.32
CA ALA A 49 7.30 4.07 3.77
C ALA A 49 7.90 3.13 2.70
N GLN A 50 7.08 2.26 2.10
CA GLN A 50 7.48 1.37 1.02
C GLN A 50 7.90 2.14 -0.24
N GLN A 51 7.22 3.26 -0.56
CA GLN A 51 7.61 4.23 -1.60
C GLN A 51 9.07 4.74 -1.43
N HIS A 52 9.57 4.89 -0.20
CA HIS A 52 10.95 5.31 0.05
C HIS A 52 11.95 4.18 -0.27
N LEU A 53 11.55 2.91 -0.17
CA LEU A 53 12.36 1.77 -0.61
C LEU A 53 12.29 1.60 -2.14
N LEU A 54 11.17 1.96 -2.80
CA LEU A 54 11.10 2.12 -4.26
C LEU A 54 12.10 3.20 -4.74
N GLN A 55 12.08 4.39 -4.11
CA GLN A 55 13.01 5.50 -4.33
C GLN A 55 14.48 5.07 -4.16
N LEU A 56 14.79 4.41 -3.04
CA LEU A 56 16.14 3.97 -2.67
C LEU A 56 16.69 2.95 -3.67
N THR A 57 15.91 1.93 -4.05
CA THR A 57 16.37 0.88 -4.96
C THR A 57 16.46 1.36 -6.42
N VAL A 58 15.50 2.14 -6.92
CA VAL A 58 15.51 2.64 -8.30
C VAL A 58 16.58 3.74 -8.50
N TRP A 59 17.09 4.34 -7.41
CA TRP A 59 18.29 5.17 -7.37
C TRP A 59 19.51 4.24 -7.28
N GLY A 60 19.57 3.37 -6.26
CA GLY A 60 20.53 2.28 -6.01
C GLY A 60 21.06 1.57 -7.26
N ILE A 61 20.15 1.05 -8.08
CA ILE A 61 20.40 0.38 -9.35
C ILE A 61 21.24 1.23 -10.33
N LYS A 62 21.04 2.56 -10.38
CA LYS A 62 21.80 3.46 -11.25
C LYS A 62 23.22 3.69 -10.69
N GLN A 63 23.38 3.71 -9.36
CA GLN A 63 24.67 3.84 -8.69
C GLN A 63 25.50 2.54 -8.82
N LEU A 64 24.84 1.38 -8.80
CA LEU A 64 25.46 0.09 -9.11
C LEU A 64 25.81 0.01 -10.62
N GLN A 65 24.90 0.43 -11.50
CA GLN A 65 25.11 0.46 -12.96
C GLN A 65 26.29 1.36 -13.37
N ALA A 66 26.47 2.51 -12.70
CA ALA A 66 27.57 3.45 -12.92
C ALA A 66 28.95 2.86 -12.55
N ARG A 67 28.98 1.92 -11.61
CA ARG A 67 30.20 1.23 -11.17
C ARG A 67 30.48 0.03 -12.08
N ILE A 68 29.50 -0.86 -12.31
CA ILE A 68 29.67 -2.12 -13.05
C ILE A 68 30.05 -1.86 -14.53
N LEU A 69 29.49 -0.80 -15.15
CA LEU A 69 29.71 -0.39 -16.54
C LEU A 69 31.18 -0.03 -16.82
N ALA A 70 31.89 0.52 -15.83
CA ALA A 70 33.30 0.92 -15.93
C ALA A 70 34.25 -0.29 -15.98
N VAL A 71 33.83 -1.44 -15.42
CA VAL A 71 34.58 -2.69 -15.43
C VAL A 71 34.16 -3.52 -16.68
N GLU A 72 32.86 -3.53 -16.99
CA GLU A 72 32.24 -4.19 -18.14
C GLU A 72 32.75 -3.64 -19.49
N THR B 1 11.64 -3.93 4.05
CA THR B 1 12.56 -4.66 4.92
C THR B 1 12.42 -4.18 6.38
N SER B 2 13.51 -3.93 7.13
CA SER B 2 13.57 -3.74 8.59
C SER B 2 12.50 -2.79 9.19
N LEU B 3 12.33 -1.60 8.61
CA LEU B 3 11.33 -0.61 9.04
C LEU B 3 9.90 -1.12 8.76
N ILE B 4 9.67 -1.60 7.54
CA ILE B 4 8.38 -2.01 7.00
C ILE B 4 7.80 -3.19 7.80
N HIS B 5 8.63 -4.12 8.28
CA HIS B 5 8.22 -5.25 9.13
C HIS B 5 7.63 -4.80 10.48
N SER B 6 8.04 -3.63 11.00
CA SER B 6 7.49 -3.03 12.22
C SER B 6 6.13 -2.36 11.91
N LEU B 7 6.01 -1.70 10.75
CA LEU B 7 4.76 -1.07 10.28
C LEU B 7 3.70 -2.13 9.95
N ILE B 8 4.10 -3.24 9.31
CA ILE B 8 3.30 -4.46 9.09
C ILE B 8 2.71 -4.97 10.42
N GLU B 9 3.58 -5.26 11.41
CA GLU B 9 3.22 -5.77 12.74
C GLU B 9 2.19 -4.89 13.47
N GLU B 10 2.32 -3.57 13.36
CA GLU B 10 1.40 -2.59 13.91
C GLU B 10 0.08 -2.55 13.10
N SER B 11 0.17 -2.40 11.77
CA SER B 11 -0.97 -2.21 10.87
C SER B 11 -1.86 -3.47 10.80
N GLN B 12 -1.28 -4.68 10.73
CA GLN B 12 -2.00 -5.94 10.67
C GLN B 12 -2.83 -6.19 11.95
N ASN B 13 -2.27 -5.82 13.12
CA ASN B 13 -2.91 -5.94 14.43
C ASN B 13 -4.07 -4.93 14.56
N GLN B 14 -3.90 -3.74 13.98
CA GLN B 14 -4.91 -2.69 13.93
C GLN B 14 -6.08 -3.09 12.99
N GLN B 15 -5.78 -3.74 11.86
CA GLN B 15 -6.77 -4.28 10.93
C GLN B 15 -7.55 -5.44 11.60
N GLU B 16 -6.85 -6.36 12.29
CA GLU B 16 -7.45 -7.47 13.04
C GLU B 16 -8.34 -6.98 14.21
N LYS B 17 -8.07 -5.81 14.79
CA LYS B 17 -8.94 -5.17 15.78
C LYS B 17 -10.27 -4.75 15.13
N ASN B 18 -10.24 -4.15 13.93
CA ASN B 18 -11.43 -3.75 13.18
C ASN B 18 -12.26 -4.96 12.72
N GLU B 19 -11.61 -6.08 12.38
CA GLU B 19 -12.25 -7.37 12.10
C GLU B 19 -12.95 -7.91 13.36
N GLN B 20 -12.25 -7.93 14.51
CA GLN B 20 -12.78 -8.34 15.80
C GLN B 20 -13.99 -7.48 16.24
N GLU B 21 -13.94 -6.16 15.99
CA GLU B 21 -15.03 -5.23 16.23
C GLU B 21 -16.24 -5.58 15.34
N LEU B 22 -16.05 -5.80 14.04
CA LEU B 22 -17.09 -6.19 13.07
C LEU B 22 -17.80 -7.49 13.46
N LEU B 23 -17.02 -8.50 13.89
CA LEU B 23 -17.49 -9.79 14.41
C LEU B 23 -18.20 -9.70 15.78
N GLU B 24 -18.33 -8.51 16.37
CA GLU B 24 -19.08 -8.21 17.59
C GLU B 24 -20.02 -7.00 17.40
N LEU B 25 -20.30 -6.62 16.14
CA LEU B 25 -21.18 -5.54 15.71
C LEU B 25 -22.10 -6.06 14.59
N ASP B 26 -22.72 -7.22 14.80
CA ASP B 26 -23.54 -8.02 13.88
C ASP B 26 -24.84 -7.33 13.44
N GLY B 27 -24.72 -6.20 12.73
CA GLY B 27 -25.81 -5.38 12.21
C GLY B 27 -25.87 -4.00 12.88
N ASP B 28 -24.94 -3.71 13.80
CA ASP B 28 -24.82 -2.45 14.54
C ASP B 28 -23.97 -1.49 13.71
N GLY B 29 -24.63 -0.75 12.81
CA GLY B 29 -24.04 0.17 11.85
C GLY B 29 -24.39 -0.23 10.40
N PRO B 30 -24.02 0.57 9.38
CA PRO B 30 -24.22 0.28 7.95
C PRO B 30 -23.70 -1.10 7.51
N GLN B 31 -24.39 -1.73 6.56
CA GLN B 31 -24.06 -3.02 5.96
C GLN B 31 -22.72 -3.01 5.20
N LEU B 32 -22.27 -1.82 4.78
CA LEU B 32 -21.01 -1.56 4.09
C LEU B 32 -19.77 -1.83 4.97
N LEU B 33 -19.89 -1.80 6.30
CA LEU B 33 -18.77 -2.05 7.22
C LEU B 33 -18.16 -3.46 7.05
N SER B 34 -18.97 -4.44 6.65
CA SER B 34 -18.55 -5.81 6.33
C SER B 34 -17.82 -5.89 4.96
N GLY B 35 -17.79 -4.80 4.18
CA GLY B 35 -17.11 -4.68 2.91
C GLY B 35 -15.89 -3.76 3.02
N ILE B 36 -15.96 -2.74 3.90
CA ILE B 36 -14.88 -1.82 4.25
C ILE B 36 -13.71 -2.56 4.92
N VAL B 37 -13.97 -3.42 5.92
CA VAL B 37 -12.92 -4.23 6.57
C VAL B 37 -12.25 -5.20 5.57
N GLN B 38 -13.07 -5.77 4.67
CA GLN B 38 -12.65 -6.73 3.64
C GLN B 38 -11.83 -6.03 2.53
N GLN B 39 -12.11 -4.77 2.23
CA GLN B 39 -11.31 -3.91 1.36
C GLN B 39 -9.98 -3.52 2.03
N GLN B 40 -10.00 -3.15 3.33
CA GLN B 40 -8.80 -2.86 4.11
C GLN B 40 -7.89 -4.09 4.29
N ASN B 41 -8.47 -5.30 4.43
CA ASN B 41 -7.80 -6.60 4.36
C ASN B 41 -7.12 -6.79 2.99
N ASN B 42 -7.84 -6.56 1.89
CA ASN B 42 -7.31 -6.66 0.52
C ASN B 42 -6.19 -5.66 0.22
N LEU B 43 -6.28 -4.43 0.74
CA LEU B 43 -5.23 -3.43 0.70
C LEU B 43 -4.01 -3.88 1.53
N LEU B 44 -4.22 -4.31 2.79
CA LEU B 44 -3.18 -4.84 3.69
C LEU B 44 -2.42 -6.02 3.07
N ARG B 45 -3.11 -6.95 2.42
CA ARG B 45 -2.55 -8.09 1.71
C ARG B 45 -1.58 -7.69 0.58
N ALA B 46 -1.75 -6.52 -0.06
CA ALA B 46 -0.82 -5.99 -1.05
C ALA B 46 0.46 -5.44 -0.38
N ILE B 47 0.33 -4.80 0.79
CA ILE B 47 1.46 -4.31 1.60
C ILE B 47 2.25 -5.52 2.17
N GLU B 48 1.54 -6.58 2.60
CA GLU B 48 2.09 -7.85 3.07
C GLU B 48 2.75 -8.65 1.93
N ALA B 49 2.39 -8.42 0.66
CA ALA B 49 3.01 -9.03 -0.51
C ALA B 49 4.27 -8.23 -0.88
N GLN B 50 4.20 -6.88 -0.87
CA GLN B 50 5.33 -5.97 -1.07
C GLN B 50 6.49 -6.22 -0.07
N GLN B 51 6.16 -6.66 1.15
CA GLN B 51 7.08 -7.17 2.18
C GLN B 51 8.03 -8.28 1.66
N HIS B 52 7.61 -9.06 0.66
CA HIS B 52 8.41 -10.08 -0.03
C HIS B 52 8.89 -9.53 -1.39
N LEU B 53 7.99 -8.97 -2.20
CA LEU B 53 8.27 -8.56 -3.59
C LEU B 53 9.22 -7.36 -3.69
N LEU B 54 9.21 -6.42 -2.74
CA LEU B 54 10.12 -5.27 -2.71
C LEU B 54 11.42 -5.66 -1.98
N GLN B 55 11.35 -6.58 -0.99
CA GLN B 55 12.52 -7.16 -0.31
C GLN B 55 13.51 -7.83 -1.30
N LEU B 56 13.00 -8.35 -2.44
CA LEU B 56 13.75 -8.88 -3.57
C LEU B 56 14.80 -7.88 -4.11
N THR B 57 14.46 -6.59 -4.20
CA THR B 57 15.35 -5.56 -4.74
C THR B 57 16.18 -4.91 -3.61
N VAL B 58 15.58 -4.68 -2.43
CA VAL B 58 16.23 -4.07 -1.25
C VAL B 58 17.30 -5.02 -0.64
N TRP B 59 17.15 -6.34 -0.80
CA TRP B 59 18.17 -7.36 -0.51
C TRP B 59 18.66 -8.02 -1.81
N GLY B 60 18.63 -7.25 -2.91
CA GLY B 60 19.14 -7.58 -4.22
C GLY B 60 20.36 -6.70 -4.49
N ILE B 61 20.21 -5.37 -4.43
CA ILE B 61 21.31 -4.42 -4.60
C ILE B 61 22.43 -4.60 -3.55
N LYS B 62 22.08 -4.98 -2.32
CA LYS B 62 23.03 -5.22 -1.23
C LYS B 62 23.82 -6.54 -1.42
N GLN B 63 23.34 -7.46 -2.26
CA GLN B 63 24.06 -8.66 -2.69
C GLN B 63 24.89 -8.34 -3.94
N LEU B 64 24.31 -7.64 -4.92
CA LEU B 64 24.94 -7.29 -6.19
C LEU B 64 26.18 -6.39 -6.02
N GLN B 65 26.13 -5.39 -5.12
CA GLN B 65 27.24 -4.50 -4.80
C GLN B 65 28.51 -5.25 -4.32
N ALA B 66 28.34 -6.38 -3.64
CA ALA B 66 29.43 -7.23 -3.15
C ALA B 66 30.08 -8.04 -4.29
N ARG B 67 29.34 -8.29 -5.39
CA ARG B 67 29.86 -8.96 -6.58
C ARG B 67 30.65 -7.96 -7.45
N ILE B 68 30.28 -6.67 -7.44
CA ILE B 68 31.01 -5.58 -8.08
C ILE B 68 32.30 -5.27 -7.26
N LEU B 69 32.21 -5.22 -5.92
CA LEU B 69 33.34 -5.02 -5.01
C LEU B 69 34.43 -6.10 -5.13
N ALA B 70 34.09 -7.31 -5.60
CA ALA B 70 35.02 -8.40 -5.85
C ALA B 70 35.96 -8.13 -7.05
N VAL B 71 35.65 -7.13 -7.89
CA VAL B 71 36.40 -6.76 -9.09
C VAL B 71 36.80 -5.26 -9.07
N GLU B 72 36.10 -4.41 -8.31
CA GLU B 72 36.24 -2.94 -8.30
C GLU B 72 36.57 -2.35 -6.91
N THR C 1 5.36 -12.07 -10.07
CA THR C 1 4.50 -11.08 -10.73
C THR C 1 3.02 -11.49 -10.54
N SER C 2 2.72 -12.78 -10.75
CA SER C 2 1.36 -13.35 -10.72
C SER C 2 0.67 -13.22 -9.35
N LEU C 3 1.47 -13.19 -8.26
CA LEU C 3 1.02 -13.03 -6.87
C LEU C 3 0.37 -11.65 -6.67
N ILE C 4 1.15 -10.58 -6.83
CA ILE C 4 0.69 -9.19 -6.71
C ILE C 4 -0.39 -8.84 -7.76
N HIS C 5 -0.31 -9.40 -8.97
CA HIS C 5 -1.30 -9.19 -10.04
C HIS C 5 -2.66 -9.79 -9.67
N SER C 6 -2.72 -10.90 -8.92
CA SER C 6 -3.95 -11.51 -8.46
C SER C 6 -4.54 -10.73 -7.27
N LEU C 7 -3.68 -10.26 -6.35
CA LEU C 7 -4.06 -9.51 -5.15
C LEU C 7 -4.61 -8.12 -5.51
N ILE C 8 -3.93 -7.37 -6.39
CA ILE C 8 -4.39 -6.06 -6.89
C ILE C 8 -5.72 -6.21 -7.66
N GLU C 9 -5.87 -7.25 -8.49
CA GLU C 9 -7.11 -7.58 -9.21
C GLU C 9 -8.27 -7.83 -8.23
N GLU C 10 -8.06 -8.69 -7.22
CA GLU C 10 -9.05 -9.00 -6.18
C GLU C 10 -9.41 -7.76 -5.34
N SER C 11 -8.42 -6.92 -5.00
CA SER C 11 -8.59 -5.66 -4.28
C SER C 11 -9.41 -4.63 -5.10
N GLN C 12 -9.17 -4.55 -6.42
CA GLN C 12 -9.94 -3.73 -7.34
C GLN C 12 -11.39 -4.25 -7.44
N ASN C 13 -11.59 -5.57 -7.56
CA ASN C 13 -12.92 -6.20 -7.61
C ASN C 13 -13.73 -5.97 -6.31
N GLN C 14 -13.06 -5.92 -5.15
CA GLN C 14 -13.67 -5.56 -3.87
C GLN C 14 -13.99 -4.05 -3.81
N GLN C 15 -13.12 -3.18 -4.35
CA GLN C 15 -13.37 -1.74 -4.48
C GLN C 15 -14.55 -1.46 -5.45
N GLU C 16 -14.63 -2.21 -6.54
CA GLU C 16 -15.70 -2.18 -7.55
C GLU C 16 -17.07 -2.53 -6.95
N LYS C 17 -17.10 -3.36 -5.89
CA LYS C 17 -18.29 -3.64 -5.08
C LYS C 17 -18.50 -2.55 -4.02
N ASN C 18 -17.44 -2.07 -3.36
CA ASN C 18 -17.49 -1.06 -2.28
C ASN C 18 -18.09 0.27 -2.78
N GLU C 19 -17.70 0.73 -3.98
CA GLU C 19 -18.18 1.96 -4.60
C GLU C 19 -19.61 1.80 -5.20
N GLN C 20 -20.02 0.55 -5.45
CA GLN C 20 -21.29 0.18 -6.09
C GLN C 20 -22.41 0.07 -5.05
N GLU C 21 -22.16 -0.63 -3.92
CA GLU C 21 -23.14 -0.82 -2.84
C GLU C 21 -23.37 0.47 -2.02
N LEU C 22 -22.47 1.47 -2.18
CA LEU C 22 -22.55 2.82 -1.65
C LEU C 22 -23.83 3.58 -2.10
N LEU C 23 -24.42 3.19 -3.24
CA LEU C 23 -25.62 3.78 -3.86
C LEU C 23 -26.87 3.80 -2.95
N GLU C 24 -26.89 3.02 -1.88
CA GLU C 24 -27.95 2.98 -0.87
C GLU C 24 -27.77 4.12 0.17
N LEU C 25 -26.59 4.73 0.26
CA LEU C 25 -26.17 5.67 1.31
C LEU C 25 -25.17 6.72 0.79
N ASP C 26 -25.33 7.18 -0.46
CA ASP C 26 -24.41 8.04 -1.21
C ASP C 26 -24.58 9.52 -0.79
N GLY C 27 -24.30 9.80 0.48
CA GLY C 27 -24.44 11.09 1.14
C GLY C 27 -25.25 10.90 2.42
N ASP C 28 -26.57 11.15 2.37
CA ASP C 28 -27.52 10.97 3.47
C ASP C 28 -27.54 9.50 3.95
N GLY C 29 -27.62 9.32 5.26
CA GLY C 29 -27.25 8.10 5.98
C GLY C 29 -26.17 8.47 7.00
N PRO C 30 -25.03 7.75 7.08
CA PRO C 30 -23.98 8.04 8.08
C PRO C 30 -23.08 9.23 7.72
N GLN C 31 -23.04 9.67 6.45
CA GLN C 31 -22.25 10.77 5.88
C GLN C 31 -20.76 10.41 5.73
N LEU C 32 -20.11 10.09 6.85
CA LEU C 32 -18.68 9.83 7.03
C LEU C 32 -18.17 8.74 6.07
N LEU C 33 -18.97 7.68 5.90
CA LEU C 33 -18.73 6.50 5.05
C LEU C 33 -18.45 6.87 3.57
N SER C 34 -19.03 7.98 3.09
CA SER C 34 -18.82 8.52 1.75
C SER C 34 -17.43 9.18 1.58
N GLY C 35 -16.62 9.25 2.64
CA GLY C 35 -15.21 9.64 2.62
C GLY C 35 -14.27 8.47 2.90
N ILE C 36 -14.76 7.41 3.56
CA ILE C 36 -14.03 6.17 3.85
C ILE C 36 -13.82 5.39 2.52
N VAL C 37 -14.88 5.24 1.73
CA VAL C 37 -14.88 4.59 0.42
C VAL C 37 -13.90 5.27 -0.56
N GLN C 38 -13.84 6.61 -0.54
CA GLN C 38 -12.94 7.42 -1.34
C GLN C 38 -11.49 7.34 -0.83
N GLN C 39 -11.27 7.06 0.47
CA GLN C 39 -9.95 6.88 1.05
C GLN C 39 -9.32 5.59 0.52
N GLN C 40 -10.01 4.44 0.67
CA GLN C 40 -9.58 3.17 0.07
C GLN C 40 -9.50 3.19 -1.46
N ASN C 41 -10.30 4.01 -2.16
CA ASN C 41 -10.17 4.24 -3.61
C ASN C 41 -8.83 4.94 -3.94
N ASN C 42 -8.43 5.94 -3.14
CA ASN C 42 -7.14 6.62 -3.26
C ASN C 42 -5.97 5.71 -2.86
N LEU C 43 -6.10 4.89 -1.81
CA LEU C 43 -5.10 3.92 -1.38
C LEU C 43 -4.92 2.79 -2.43
N LEU C 44 -6.02 2.32 -3.06
CA LEU C 44 -6.00 1.36 -4.16
C LEU C 44 -5.25 1.93 -5.38
N ARG C 45 -5.51 3.20 -5.75
CA ARG C 45 -4.78 3.91 -6.80
C ARG C 45 -3.30 4.13 -6.45
N ALA C 46 -2.98 4.44 -5.19
CA ALA C 46 -1.61 4.63 -4.71
C ALA C 46 -0.80 3.32 -4.67
N ILE C 47 -1.41 2.21 -4.22
CA ILE C 47 -0.78 0.88 -4.23
C ILE C 47 -0.57 0.42 -5.68
N GLU C 48 -1.56 0.60 -6.57
CA GLU C 48 -1.49 0.37 -8.03
C GLU C 48 -0.30 1.12 -8.67
N ALA C 49 -0.11 2.40 -8.32
CA ALA C 49 0.97 3.25 -8.82
C ALA C 49 2.37 2.73 -8.43
N GLN C 50 2.62 2.41 -7.15
CA GLN C 50 3.92 1.89 -6.72
C GLN C 50 4.17 0.43 -7.18
N GLN C 51 3.11 -0.33 -7.49
CA GLN C 51 3.20 -1.65 -8.13
C GLN C 51 3.60 -1.56 -9.61
N HIS C 52 3.52 -0.39 -10.26
CA HIS C 52 4.12 -0.13 -11.58
C HIS C 52 5.61 0.17 -11.40
N LEU C 53 5.95 1.03 -10.43
CA LEU C 53 7.31 1.44 -10.09
C LEU C 53 8.19 0.27 -9.62
N LEU C 54 7.57 -0.75 -8.99
CA LEU C 54 8.13 -2.04 -8.63
C LEU C 54 8.79 -2.76 -9.83
N GLN C 55 8.18 -2.69 -11.02
CA GLN C 55 8.66 -3.39 -12.21
C GLN C 55 10.01 -2.83 -12.67
N LEU C 56 10.19 -1.50 -12.59
CA LEU C 56 11.41 -0.80 -12.99
C LEU C 56 12.62 -1.17 -12.09
N THR C 57 12.40 -1.33 -10.78
CA THR C 57 13.44 -1.78 -9.84
C THR C 57 13.68 -3.30 -10.00
N VAL C 58 12.63 -4.15 -10.09
CA VAL C 58 12.75 -5.60 -10.30
C VAL C 58 13.49 -5.94 -11.61
N TRP C 59 13.15 -5.28 -12.75
CA TRP C 59 13.83 -5.46 -14.04
C TRP C 59 15.26 -4.87 -14.06
N GLY C 60 15.70 -4.22 -12.98
CA GLY C 60 17.05 -3.66 -12.84
C GLY C 60 17.96 -4.65 -12.10
N ILE C 61 17.41 -5.45 -11.17
CA ILE C 61 18.09 -6.60 -10.56
C ILE C 61 18.36 -7.66 -11.66
N LYS C 62 17.39 -7.91 -12.55
CA LYS C 62 17.49 -8.82 -13.69
C LYS C 62 18.59 -8.40 -14.69
N GLN C 63 18.81 -7.09 -14.86
CA GLN C 63 19.86 -6.52 -15.71
C GLN C 63 21.23 -6.64 -15.03
N LEU C 64 21.33 -6.23 -13.75
CA LEU C 64 22.57 -6.24 -12.98
C LEU C 64 23.13 -7.65 -12.74
N GLN C 65 22.27 -8.64 -12.43
CA GLN C 65 22.69 -10.02 -12.18
C GLN C 65 23.10 -10.75 -13.48
N ALA C 66 22.59 -10.32 -14.64
CA ALA C 66 22.88 -10.93 -15.94
C ALA C 66 24.19 -10.37 -16.50
N ARG C 67 24.40 -9.05 -16.41
CA ARG C 67 25.59 -8.38 -16.97
C ARG C 67 26.86 -8.63 -16.14
N ILE C 68 26.72 -9.13 -14.89
CA ILE C 68 27.79 -9.52 -13.97
C ILE C 68 28.79 -10.54 -14.59
N LEU C 69 28.37 -11.28 -15.61
CA LEU C 69 29.16 -12.26 -16.34
C LEU C 69 30.15 -11.60 -17.33
N ALA C 70 29.97 -10.32 -17.67
CA ALA C 70 30.85 -9.55 -18.56
C ALA C 70 31.93 -8.77 -17.79
N VAL C 71 31.84 -8.72 -16.45
CA VAL C 71 32.69 -7.95 -15.55
C VAL C 71 34.02 -8.69 -15.29
N GLU C 72 34.07 -10.02 -15.51
CA GLU C 72 35.22 -10.90 -15.25
C GLU C 72 35.34 -11.97 -16.34
N THR A 1 7.43 16.22 -9.88
CA THR A 1 6.13 15.88 -9.29
C THR A 1 6.11 14.42 -8.79
N SER A 2 6.23 13.44 -9.71
CA SER A 2 6.35 11.99 -9.50
C SER A 2 4.99 11.36 -9.16
N LEU A 3 4.50 10.44 -10.02
CA LEU A 3 3.18 9.82 -9.98
C LEU A 3 2.90 9.11 -8.64
N ILE A 4 3.82 8.22 -8.23
CA ILE A 4 3.81 7.51 -6.94
C ILE A 4 3.77 8.45 -5.72
N HIS A 5 4.49 9.57 -5.78
CA HIS A 5 4.65 10.51 -4.67
C HIS A 5 3.42 11.42 -4.55
N SER A 6 2.93 11.95 -5.69
CA SER A 6 1.77 12.83 -5.75
C SER A 6 0.45 12.13 -5.35
N LEU A 7 0.30 10.82 -5.63
CA LEU A 7 -0.85 10.03 -5.19
C LEU A 7 -0.83 9.79 -3.66
N ILE A 8 0.34 9.62 -3.05
CA ILE A 8 0.49 9.51 -1.59
C ILE A 8 0.22 10.87 -0.92
N GLU A 9 0.70 11.98 -1.51
CA GLU A 9 0.37 13.36 -1.11
C GLU A 9 -1.15 13.60 -1.15
N GLU A 10 -1.82 13.20 -2.25
CA GLU A 10 -3.28 13.27 -2.41
C GLU A 10 -4.02 12.42 -1.35
N SER A 11 -3.49 11.25 -1.00
CA SER A 11 -4.05 10.36 0.02
C SER A 11 -3.90 10.97 1.44
N GLN A 12 -2.82 11.71 1.72
CA GLN A 12 -2.62 12.44 2.98
C GLN A 12 -3.55 13.66 3.08
N ASN A 13 -3.79 14.36 1.96
CA ASN A 13 -4.76 15.46 1.86
C ASN A 13 -6.20 14.96 2.01
N GLN A 14 -6.52 13.77 1.50
CA GLN A 14 -7.80 13.10 1.72
C GLN A 14 -7.94 12.62 3.19
N GLN A 15 -6.88 12.05 3.77
CA GLN A 15 -6.83 11.61 5.18
C GLN A 15 -7.14 12.76 6.15
N GLU A 16 -6.66 13.97 5.85
CA GLU A 16 -6.96 15.21 6.57
C GLU A 16 -8.46 15.56 6.53
N LYS A 17 -9.18 15.24 5.43
CA LYS A 17 -10.63 15.40 5.34
C LYS A 17 -11.33 14.31 6.17
N ASN A 18 -10.86 13.05 6.11
CA ASN A 18 -11.40 11.93 6.91
C ASN A 18 -11.27 12.20 8.42
N GLU A 19 -10.10 12.70 8.86
CA GLU A 19 -9.80 13.09 10.23
C GLU A 19 -10.68 14.28 10.71
N GLN A 20 -10.90 15.28 9.84
CA GLN A 20 -11.73 16.45 10.10
C GLN A 20 -13.22 16.07 10.25
N GLU A 21 -13.73 15.15 9.43
CA GLU A 21 -15.10 14.65 9.54
C GLU A 21 -15.24 13.70 10.75
N LEU A 22 -14.23 12.88 11.07
CA LEU A 22 -14.16 12.05 12.28
C LEU A 22 -14.24 12.89 13.57
N LEU A 23 -13.63 14.08 13.58
CA LEU A 23 -13.67 15.04 14.67
C LEU A 23 -15.06 15.69 14.84
N GLU A 24 -15.86 15.78 13.76
CA GLU A 24 -17.23 16.27 13.79
C GLU A 24 -18.20 15.15 14.22
N LEU A 25 -18.01 13.92 13.69
CA LEU A 25 -18.77 12.72 14.01
C LEU A 25 -18.12 12.01 15.24
N ASP A 26 -17.84 12.76 16.31
CA ASP A 26 -17.16 12.26 17.52
C ASP A 26 -18.18 11.62 18.48
N GLY A 27 -19.46 12.01 18.43
CA GLY A 27 -20.51 11.59 19.36
C GLY A 27 -21.69 10.88 18.70
N ASP A 28 -21.79 10.87 17.37
CA ASP A 28 -22.84 10.22 16.59
C ASP A 28 -22.29 9.84 15.20
N GLY A 29 -22.93 8.85 14.57
CA GLY A 29 -22.50 8.20 13.33
C GLY A 29 -22.24 6.71 13.58
N PRO A 30 -21.94 5.90 12.54
CA PRO A 30 -21.56 4.49 12.69
C PRO A 30 -20.18 4.37 13.36
N GLN A 31 -20.09 3.52 14.39
CA GLN A 31 -19.01 3.52 15.39
C GLN A 31 -17.66 3.04 14.81
N LEU A 32 -17.68 2.12 13.84
CA LEU A 32 -16.50 1.42 13.32
C LEU A 32 -15.53 2.36 12.57
N LEU A 33 -16.01 3.51 12.09
CA LEU A 33 -15.26 4.59 11.44
C LEU A 33 -14.09 5.10 12.30
N SER A 34 -14.25 5.08 13.64
CA SER A 34 -13.24 5.45 14.62
C SER A 34 -12.00 4.51 14.62
N GLY A 35 -12.09 3.32 14.02
CA GLY A 35 -11.00 2.36 13.88
C GLY A 35 -10.55 2.19 12.43
N ILE A 36 -11.45 2.43 11.45
CA ILE A 36 -11.14 2.39 10.02
C ILE A 36 -10.19 3.54 9.64
N VAL A 37 -10.48 4.79 10.05
CA VAL A 37 -9.66 5.96 9.71
C VAL A 37 -8.25 5.89 10.35
N GLN A 38 -8.12 5.24 11.53
CA GLN A 38 -6.85 4.92 12.16
C GLN A 38 -6.07 3.88 11.35
N GLN A 39 -6.76 2.85 10.83
CA GLN A 39 -6.17 1.81 10.01
C GLN A 39 -5.80 2.34 8.61
N GLN A 40 -6.59 3.26 8.03
CA GLN A 40 -6.26 3.98 6.79
C GLN A 40 -4.99 4.83 6.95
N ASN A 41 -4.84 5.53 8.09
CA ASN A 41 -3.62 6.25 8.48
C ASN A 41 -2.43 5.28 8.59
N ASN A 42 -2.62 4.11 9.24
CA ASN A 42 -1.60 3.08 9.44
C ASN A 42 -1.15 2.47 8.09
N LEU A 43 -2.08 2.20 7.17
CA LEU A 43 -1.79 1.71 5.82
C LEU A 43 -1.07 2.77 4.98
N LEU A 44 -1.51 4.04 5.06
CA LEU A 44 -0.91 5.18 4.39
C LEU A 44 0.54 5.45 4.87
N ARG A 45 0.79 5.33 6.19
CA ARG A 45 2.13 5.38 6.78
C ARG A 45 3.03 4.23 6.29
N ALA A 46 2.48 3.02 6.14
CA ALA A 46 3.20 1.86 5.60
C ALA A 46 3.51 2.05 4.09
N ILE A 47 2.58 2.61 3.30
CA ILE A 47 2.78 2.98 1.90
C ILE A 47 3.84 4.10 1.76
N GLU A 48 3.82 5.12 2.63
CA GLU A 48 4.84 6.18 2.75
C GLU A 48 6.24 5.59 3.06
N ALA A 49 6.31 4.63 3.98
CA ALA A 49 7.53 3.91 4.34
C ALA A 49 8.04 3.02 3.18
N GLN A 50 7.13 2.34 2.46
CA GLN A 50 7.43 1.58 1.25
C GLN A 50 7.94 2.47 0.10
N GLN A 51 7.32 3.64 -0.11
CA GLN A 51 7.74 4.72 -1.02
C GLN A 51 9.19 5.15 -0.77
N HIS A 52 9.58 5.32 0.50
CA HIS A 52 10.95 5.60 0.93
C HIS A 52 11.91 4.46 0.54
N LEU A 53 11.55 3.19 0.77
CA LEU A 53 12.36 2.04 0.36
C LEU A 53 12.53 1.98 -1.17
N LEU A 54 11.44 2.13 -1.93
CA LEU A 54 11.42 2.02 -3.39
C LEU A 54 12.26 3.13 -4.04
N GLN A 55 12.20 4.37 -3.54
CA GLN A 55 13.05 5.48 -3.98
C GLN A 55 14.54 5.18 -3.75
N LEU A 56 14.89 4.62 -2.59
CA LEU A 56 16.26 4.21 -2.27
C LEU A 56 16.76 3.06 -3.16
N THR A 57 15.93 2.07 -3.53
CA THR A 57 16.35 0.99 -4.43
C THR A 57 16.35 1.43 -5.91
N VAL A 58 15.51 2.39 -6.34
CA VAL A 58 15.62 3.08 -7.63
C VAL A 58 16.99 3.78 -7.75
N TRP A 59 17.40 4.53 -6.71
CA TRP A 59 18.73 5.13 -6.58
C TRP A 59 19.83 4.05 -6.56
N GLY A 60 19.64 2.99 -5.77
CA GLY A 60 20.29 1.67 -5.82
C GLY A 60 20.68 1.19 -7.21
N ILE A 61 19.68 0.83 -8.04
CA ILE A 61 19.81 0.42 -9.45
C ILE A 61 20.64 1.43 -10.27
N LYS A 62 20.35 2.74 -10.17
CA LYS A 62 21.04 3.80 -10.88
C LYS A 62 22.52 3.93 -10.49
N GLN A 63 22.84 3.84 -9.19
CA GLN A 63 24.21 3.89 -8.67
C GLN A 63 25.01 2.63 -9.02
N LEU A 64 24.35 1.46 -9.08
CA LEU A 64 24.96 0.20 -9.51
C LEU A 64 25.27 0.27 -11.03
N GLN A 65 24.30 0.74 -11.83
CA GLN A 65 24.44 0.97 -13.27
C GLN A 65 25.55 1.99 -13.59
N ALA A 66 25.64 3.08 -12.83
CA ALA A 66 26.66 4.12 -12.96
C ALA A 66 28.08 3.60 -12.68
N ARG A 67 28.21 2.59 -11.80
CA ARG A 67 29.48 1.90 -11.56
C ARG A 67 29.75 0.89 -12.70
N ILE A 68 28.76 0.06 -13.10
CA ILE A 68 28.88 -0.93 -14.19
C ILE A 68 29.31 -0.27 -15.52
N LEU A 69 28.82 0.94 -15.79
CA LEU A 69 29.17 1.79 -16.93
C LEU A 69 30.66 2.20 -16.95
N ALA A 70 31.35 2.21 -15.79
CA ALA A 70 32.77 2.49 -15.66
C ALA A 70 33.62 1.21 -15.67
N VAL A 71 33.03 0.06 -15.31
CA VAL A 71 33.67 -1.27 -15.35
C VAL A 71 33.76 -1.79 -16.79
N GLU A 72 32.71 -1.59 -17.60
CA GLU A 72 32.62 -1.96 -19.01
C GLU A 72 33.51 -1.04 -19.87
N THR B 1 14.03 -1.05 6.57
CA THR B 1 13.24 -2.29 6.68
C THR B 1 12.29 -2.21 7.89
N SER B 2 12.84 -2.25 9.11
CA SER B 2 12.21 -2.36 10.44
C SER B 2 10.85 -1.66 10.63
N LEU B 3 10.75 -0.37 10.25
CA LEU B 3 9.54 0.44 10.42
C LEU B 3 8.34 -0.05 9.58
N ILE B 4 8.56 -0.65 8.39
CA ILE B 4 7.48 -1.23 7.56
C ILE B 4 6.88 -2.42 8.30
N HIS B 5 7.73 -3.32 8.82
CA HIS B 5 7.32 -4.52 9.55
C HIS B 5 6.63 -4.17 10.88
N SER B 6 7.05 -3.08 11.53
CA SER B 6 6.45 -2.56 12.76
C SER B 6 5.07 -1.94 12.47
N LEU B 7 4.93 -1.17 11.37
CA LEU B 7 3.66 -0.59 10.92
C LEU B 7 2.66 -1.67 10.49
N ILE B 8 3.12 -2.70 9.75
CA ILE B 8 2.30 -3.86 9.36
C ILE B 8 1.87 -4.67 10.59
N GLU B 9 2.76 -4.90 11.58
CA GLU B 9 2.42 -5.50 12.88
C GLU B 9 1.29 -4.74 13.59
N GLU B 10 1.42 -3.41 13.69
CA GLU B 10 0.41 -2.53 14.28
C GLU B 10 -0.91 -2.55 13.49
N SER B 11 -0.85 -2.63 12.15
CA SER B 11 -2.01 -2.71 11.27
C SER B 11 -2.73 -4.07 11.44
N GLN B 12 -1.99 -5.18 11.66
CA GLN B 12 -2.54 -6.50 11.91
C GLN B 12 -3.30 -6.56 13.26
N ASN B 13 -2.74 -6.03 14.36
CA ASN B 13 -3.48 -5.96 15.64
C ASN B 13 -4.56 -4.86 15.66
N GLN B 14 -4.48 -3.84 14.79
CA GLN B 14 -5.59 -2.90 14.51
C GLN B 14 -6.73 -3.62 13.77
N GLN B 15 -6.42 -4.48 12.78
CA GLN B 15 -7.37 -5.32 12.06
C GLN B 15 -8.11 -6.30 13.01
N GLU B 16 -7.44 -6.85 14.02
CA GLU B 16 -8.03 -7.76 15.01
C GLU B 16 -9.10 -7.06 15.87
N LYS B 17 -8.79 -5.90 16.47
CA LYS B 17 -9.76 -5.13 17.26
C LYS B 17 -10.88 -4.52 16.38
N ASN B 18 -10.58 -4.17 15.12
CA ASN B 18 -11.55 -3.71 14.12
C ASN B 18 -12.53 -4.84 13.74
N GLU B 19 -12.03 -6.07 13.53
CA GLU B 19 -12.83 -7.27 13.31
C GLU B 19 -13.73 -7.58 14.52
N GLN B 20 -13.18 -7.52 15.74
CA GLN B 20 -13.90 -7.69 17.00
C GLN B 20 -15.03 -6.66 17.15
N GLU B 21 -14.74 -5.37 16.87
CA GLU B 21 -15.70 -4.26 16.89
C GLU B 21 -16.84 -4.49 15.88
N LEU B 22 -16.52 -4.89 14.64
CA LEU B 22 -17.49 -5.27 13.60
C LEU B 22 -18.39 -6.42 14.05
N LEU B 23 -17.81 -7.49 14.63
CA LEU B 23 -18.54 -8.65 15.17
C LEU B 23 -19.43 -8.29 16.39
N GLU B 24 -19.04 -7.29 17.19
CA GLU B 24 -19.80 -6.80 18.33
C GLU B 24 -20.95 -5.88 17.88
N LEU B 25 -20.76 -5.09 16.80
CA LEU B 25 -21.78 -4.22 16.20
C LEU B 25 -22.80 -5.02 15.36
N ASP B 26 -22.39 -6.14 14.75
CA ASP B 26 -23.17 -7.03 13.89
C ASP B 26 -24.58 -7.36 14.42
N GLY B 27 -25.60 -7.16 13.57
CA GLY B 27 -27.02 -7.27 13.88
C GLY B 27 -27.77 -5.96 13.60
N ASP B 28 -27.05 -4.83 13.56
CA ASP B 28 -27.54 -3.50 13.17
C ASP B 28 -26.39 -2.72 12.49
N GLY B 29 -26.73 -1.71 11.69
CA GLY B 29 -25.81 -0.83 10.98
C GLY B 29 -25.85 -1.06 9.45
N PRO B 30 -25.24 -0.18 8.64
CA PRO B 30 -25.09 -0.36 7.18
C PRO B 30 -24.34 -1.65 6.82
N GLN B 31 -24.68 -2.26 5.68
CA GLN B 31 -24.01 -3.44 5.13
C GLN B 31 -22.63 -3.09 4.51
N LEU B 32 -22.36 -1.79 4.28
CA LEU B 32 -21.14 -1.25 3.68
C LEU B 32 -19.88 -1.60 4.47
N LEU B 33 -19.97 -1.61 5.81
CA LEU B 33 -18.87 -1.92 6.74
C LEU B 33 -18.34 -3.35 6.54
N SER B 34 -19.20 -4.28 6.12
CA SER B 34 -18.87 -5.67 5.81
C SER B 34 -18.10 -5.79 4.47
N GLY B 35 -18.04 -4.72 3.66
CA GLY B 35 -17.33 -4.65 2.39
C GLY B 35 -16.05 -3.81 2.55
N ILE B 36 -16.13 -2.67 3.25
CA ILE B 36 -15.03 -1.77 3.61
C ILE B 36 -13.87 -2.52 4.29
N VAL B 37 -14.16 -3.35 5.31
CA VAL B 37 -13.14 -4.06 6.08
C VAL B 37 -12.43 -5.16 5.26
N GLN B 38 -13.12 -5.86 4.34
CA GLN B 38 -12.46 -6.84 3.47
C GLN B 38 -11.75 -6.16 2.27
N GLN B 39 -12.10 -4.91 1.91
CA GLN B 39 -11.32 -4.07 1.01
C GLN B 39 -10.04 -3.58 1.74
N GLN B 40 -10.17 -3.21 3.02
CA GLN B 40 -9.07 -2.79 3.91
C GLN B 40 -8.06 -3.94 4.12
N ASN B 41 -8.56 -5.17 4.27
CA ASN B 41 -7.77 -6.40 4.39
C ASN B 41 -7.05 -6.71 3.07
N ASN B 42 -7.70 -6.49 1.91
CA ASN B 42 -7.08 -6.56 0.58
C ASN B 42 -5.93 -5.55 0.39
N LEU B 43 -6.09 -4.32 0.90
CA LEU B 43 -5.04 -3.29 0.96
C LEU B 43 -3.85 -3.74 1.84
N LEU B 44 -4.12 -4.30 3.02
CA LEU B 44 -3.11 -4.83 3.95
C LEU B 44 -2.32 -6.00 3.32
N ARG B 45 -3.01 -6.93 2.63
CA ARG B 45 -2.41 -8.03 1.89
C ARG B 45 -1.57 -7.54 0.69
N ALA B 46 -1.97 -6.44 0.04
CA ALA B 46 -1.24 -5.84 -1.09
C ALA B 46 0.10 -5.24 -0.65
N ILE B 47 0.19 -4.59 0.52
CA ILE B 47 1.46 -4.09 1.06
C ILE B 47 2.38 -5.26 1.46
N GLU B 48 1.82 -6.34 2.02
CA GLU B 48 2.54 -7.56 2.38
C GLU B 48 3.09 -8.29 1.14
N ALA B 49 2.39 -8.22 0.00
CA ALA B 49 2.86 -8.72 -1.30
C ALA B 49 4.01 -7.84 -1.83
N GLN B 50 3.82 -6.51 -1.81
CA GLN B 50 4.77 -5.51 -2.30
C GLN B 50 6.09 -5.55 -1.51
N GLN B 51 6.04 -5.50 -0.16
CA GLN B 51 7.21 -5.43 0.72
C GLN B 51 8.14 -6.66 0.58
N HIS B 52 7.57 -7.84 0.34
CA HIS B 52 8.28 -9.11 0.18
C HIS B 52 9.11 -9.12 -1.12
N LEU B 53 8.63 -8.45 -2.17
CA LEU B 53 9.32 -8.31 -3.45
C LEU B 53 10.30 -7.13 -3.40
N LEU B 54 9.97 -6.04 -2.71
CA LEU B 54 10.83 -4.86 -2.54
C LEU B 54 12.10 -5.24 -1.74
N GLN B 55 11.98 -6.08 -0.71
CA GLN B 55 13.07 -6.68 0.06
C GLN B 55 14.13 -7.37 -0.83
N LEU B 56 13.71 -8.02 -1.93
CA LEU B 56 14.60 -8.69 -2.86
C LEU B 56 15.34 -7.71 -3.79
N THR B 57 14.85 -6.46 -3.96
CA THR B 57 15.55 -5.45 -4.77
C THR B 57 16.77 -4.92 -4.00
N VAL B 58 16.62 -4.56 -2.71
CA VAL B 58 17.72 -4.08 -1.86
C VAL B 58 18.71 -5.23 -1.55
N TRP B 59 18.22 -6.45 -1.28
CA TRP B 59 19.03 -7.65 -1.07
C TRP B 59 19.78 -8.05 -2.36
N GLY B 60 19.19 -7.77 -3.53
CA GLY B 60 19.79 -8.07 -4.82
C GLY B 60 20.85 -7.02 -5.18
N ILE B 61 20.60 -5.74 -4.89
CA ILE B 61 21.59 -4.66 -4.97
C ILE B 61 22.80 -4.89 -4.03
N LYS B 62 22.58 -5.45 -2.83
CA LYS B 62 23.66 -5.86 -1.93
C LYS B 62 24.45 -7.06 -2.49
N GLN B 63 23.77 -8.03 -3.13
CA GLN B 63 24.40 -9.17 -3.81
C GLN B 63 25.20 -8.72 -5.04
N LEU B 64 24.69 -7.75 -5.82
CA LEU B 64 25.37 -7.13 -6.96
C LEU B 64 26.61 -6.35 -6.49
N GLN B 65 26.47 -5.53 -5.43
CA GLN B 65 27.54 -4.78 -4.78
C GLN B 65 28.67 -5.69 -4.27
N ALA B 66 28.33 -6.87 -3.73
CA ALA B 66 29.27 -7.88 -3.23
C ALA B 66 30.08 -8.59 -4.34
N ARG B 67 29.59 -8.58 -5.59
CA ARG B 67 30.32 -9.12 -6.74
C ARG B 67 31.22 -8.03 -7.35
N ILE B 68 30.66 -6.85 -7.66
CA ILE B 68 31.32 -5.80 -8.45
C ILE B 68 32.54 -5.16 -7.73
N LEU B 69 32.65 -5.31 -6.39
CA LEU B 69 33.82 -4.88 -5.63
C LEU B 69 35.06 -5.77 -5.86
N ALA B 70 34.89 -6.99 -6.38
CA ALA B 70 35.97 -7.94 -6.65
C ALA B 70 36.47 -7.83 -8.10
N VAL B 71 35.74 -7.13 -8.98
CA VAL B 71 36.07 -6.92 -10.39
C VAL B 71 37.07 -5.74 -10.54
N GLU B 72 37.09 -4.82 -9.57
CA GLU B 72 38.00 -3.68 -9.48
C GLU B 72 39.36 -4.16 -8.92
N THR C 1 4.68 -12.88 -10.03
CA THR C 1 3.78 -11.74 -9.83
C THR C 1 2.27 -12.11 -9.93
N SER C 2 1.92 -13.38 -10.21
CA SER C 2 0.54 -13.86 -10.37
C SER C 2 -0.35 -13.66 -9.12
N LEU C 3 0.18 -13.98 -7.93
CA LEU C 3 -0.49 -13.81 -6.64
C LEU C 3 -0.70 -12.32 -6.32
N ILE C 4 0.26 -11.46 -6.66
CA ILE C 4 0.24 -10.02 -6.43
C ILE C 4 -0.88 -9.38 -7.28
N HIS C 5 -0.90 -9.70 -8.58
CA HIS C 5 -1.95 -9.24 -9.50
C HIS C 5 -3.33 -9.83 -9.17
N SER C 6 -3.41 -11.05 -8.62
CA SER C 6 -4.65 -11.66 -8.11
C SER C 6 -5.19 -10.87 -6.90
N LEU C 7 -4.34 -10.47 -5.95
CA LEU C 7 -4.71 -9.65 -4.78
C LEU C 7 -5.18 -8.24 -5.21
N ILE C 8 -4.45 -7.57 -6.11
CA ILE C 8 -4.84 -6.29 -6.70
C ILE C 8 -6.18 -6.42 -7.47
N GLU C 9 -6.37 -7.49 -8.27
CA GLU C 9 -7.61 -7.80 -8.97
C GLU C 9 -8.80 -7.99 -8.02
N GLU C 10 -8.62 -8.72 -6.90
CA GLU C 10 -9.65 -8.92 -5.87
C GLU C 10 -9.95 -7.60 -5.13
N SER C 11 -8.93 -6.77 -4.88
CA SER C 11 -9.08 -5.45 -4.29
C SER C 11 -9.92 -4.52 -5.21
N GLN C 12 -9.65 -4.55 -6.52
CA GLN C 12 -10.39 -3.81 -7.55
C GLN C 12 -11.81 -4.37 -7.77
N ASN C 13 -11.98 -5.70 -7.71
CA ASN C 13 -13.27 -6.40 -7.68
C ASN C 13 -14.13 -5.94 -6.48
N GLN C 14 -13.55 -5.92 -5.28
CA GLN C 14 -14.21 -5.44 -4.07
C GLN C 14 -14.58 -3.95 -4.16
N GLN C 15 -13.66 -3.10 -4.65
CA GLN C 15 -13.88 -1.69 -4.99
C GLN C 15 -15.16 -1.48 -5.82
N GLU C 16 -15.30 -2.18 -6.95
CA GLU C 16 -16.45 -2.08 -7.85
C GLU C 16 -17.75 -2.53 -7.16
N LYS C 17 -17.73 -3.63 -6.40
CA LYS C 17 -18.87 -4.15 -5.65
C LYS C 17 -19.30 -3.21 -4.51
N ASN C 18 -18.33 -2.69 -3.75
CA ASN C 18 -18.53 -1.79 -2.62
C ASN C 18 -19.02 -0.41 -3.10
N GLU C 19 -18.51 0.09 -4.24
CA GLU C 19 -18.99 1.29 -4.92
C GLU C 19 -20.44 1.12 -5.43
N GLN C 20 -20.79 -0.06 -5.95
CA GLN C 20 -22.15 -0.41 -6.39
C GLN C 20 -23.13 -0.45 -5.21
N GLU C 21 -22.70 -1.00 -4.07
CA GLU C 21 -23.46 -1.03 -2.82
C GLU C 21 -23.72 0.40 -2.28
N LEU C 22 -22.73 1.30 -2.43
CA LEU C 22 -22.82 2.72 -2.08
C LEU C 22 -23.83 3.46 -2.99
N LEU C 23 -23.83 3.14 -4.29
CA LEU C 23 -24.72 3.72 -5.31
C LEU C 23 -26.19 3.35 -5.05
N GLU C 24 -26.47 2.15 -4.54
CA GLU C 24 -27.80 1.65 -4.21
C GLU C 24 -28.40 2.29 -2.92
N LEU C 25 -27.61 3.00 -2.11
CA LEU C 25 -28.10 3.81 -1.00
C LEU C 25 -28.47 5.20 -1.55
N ASP C 26 -29.77 5.47 -1.69
CA ASP C 26 -30.33 6.79 -1.96
C ASP C 26 -30.60 7.45 -0.61
N GLY C 27 -30.24 8.74 -0.48
CA GLY C 27 -30.37 9.53 0.74
C GLY C 27 -28.99 9.76 1.35
N ASP C 28 -28.87 9.59 2.67
CA ASP C 28 -27.63 9.58 3.44
C ASP C 28 -27.78 8.57 4.60
N GLY C 29 -27.26 8.87 5.79
CA GLY C 29 -27.26 8.00 6.97
C GLY C 29 -25.86 7.87 7.56
N PRO C 30 -24.94 7.07 6.97
CA PRO C 30 -23.60 6.83 7.54
C PRO C 30 -22.62 8.01 7.38
N GLN C 31 -22.87 8.95 6.45
CA GLN C 31 -22.37 10.32 6.40
C GLN C 31 -20.91 10.45 5.91
N LEU C 32 -19.97 9.77 6.57
CA LEU C 32 -18.53 9.79 6.25
C LEU C 32 -18.21 8.78 5.13
N LEU C 33 -19.09 7.79 4.94
CA LEU C 33 -18.97 6.60 4.08
C LEU C 33 -18.44 6.88 2.67
N SER C 34 -18.97 7.93 2.02
CA SER C 34 -18.60 8.44 0.70
C SER C 34 -17.17 9.05 0.64
N GLY C 35 -16.48 9.19 1.76
CA GLY C 35 -15.08 9.62 1.87
C GLY C 35 -14.17 8.51 2.39
N ILE C 36 -14.72 7.41 2.93
CA ILE C 36 -13.98 6.24 3.38
C ILE C 36 -13.60 5.40 2.14
N VAL C 37 -14.58 5.04 1.30
CA VAL C 37 -14.40 4.20 0.11
C VAL C 37 -13.56 4.92 -0.97
N GLN C 38 -13.68 6.25 -1.06
CA GLN C 38 -12.89 7.09 -1.98
C GLN C 38 -11.43 7.21 -1.52
N GLN C 39 -11.15 7.12 -0.20
CA GLN C 39 -9.79 7.04 0.32
C GLN C 39 -9.21 5.65 0.03
N GLN C 40 -9.98 4.56 0.23
CA GLN C 40 -9.58 3.19 -0.13
C GLN C 40 -9.27 3.05 -1.64
N ASN C 41 -10.05 3.72 -2.51
CA ASN C 41 -9.81 3.87 -3.95
C ASN C 41 -8.47 4.57 -4.21
N ASN C 42 -8.20 5.70 -3.55
CA ASN C 42 -7.00 6.51 -3.76
C ASN C 42 -5.74 5.78 -3.24
N LEU C 43 -5.86 5.05 -2.12
CA LEU C 43 -4.81 4.18 -1.58
C LEU C 43 -4.56 2.98 -2.51
N LEU C 44 -5.61 2.37 -3.09
CA LEU C 44 -5.50 1.29 -4.08
C LEU C 44 -4.81 1.77 -5.38
N ARG C 45 -5.05 3.00 -5.81
CA ARG C 45 -4.35 3.63 -6.93
C ARG C 45 -2.86 3.86 -6.60
N ALA C 46 -2.54 4.26 -5.35
CA ALA C 46 -1.16 4.43 -4.88
C ALA C 46 -0.42 3.09 -4.80
N ILE C 47 -1.10 2.02 -4.34
CA ILE C 47 -0.65 0.63 -4.35
C ILE C 47 -0.35 0.14 -5.78
N GLU C 48 -1.27 0.37 -6.72
CA GLU C 48 -1.15 0.03 -8.13
C GLU C 48 0.01 0.80 -8.80
N ALA C 49 0.20 2.08 -8.48
CA ALA C 49 1.31 2.92 -8.93
C ALA C 49 2.65 2.42 -8.38
N GLN C 50 2.69 2.01 -7.11
CA GLN C 50 3.87 1.44 -6.44
C GLN C 50 4.30 0.13 -7.12
N GLN C 51 3.33 -0.75 -7.42
CA GLN C 51 3.51 -2.00 -8.16
C GLN C 51 4.17 -1.78 -9.55
N HIS C 52 3.73 -0.76 -10.29
CA HIS C 52 4.29 -0.40 -11.60
C HIS C 52 5.76 0.04 -11.54
N LEU C 53 6.21 0.63 -10.42
CA LEU C 53 7.62 0.98 -10.20
C LEU C 53 8.38 -0.25 -9.67
N LEU C 54 7.78 -1.03 -8.76
CA LEU C 54 8.36 -2.23 -8.13
C LEU C 54 8.77 -3.29 -9.17
N GLN C 55 7.91 -3.56 -10.17
CA GLN C 55 8.20 -4.53 -11.23
C GLN C 55 9.27 -4.02 -12.22
N LEU C 56 9.71 -2.76 -12.12
CA LEU C 56 10.84 -2.20 -12.86
C LEU C 56 12.13 -2.55 -12.10
N THR C 57 12.21 -2.32 -10.78
CA THR C 57 13.41 -2.58 -9.97
C THR C 57 13.62 -4.08 -9.70
N VAL C 58 12.54 -4.88 -9.57
CA VAL C 58 12.57 -6.35 -9.53
C VAL C 58 13.08 -6.94 -10.86
N TRP C 59 12.87 -6.25 -12.00
CA TRP C 59 13.37 -6.65 -13.31
C TRP C 59 14.83 -6.18 -13.47
N GLY C 60 15.10 -4.87 -13.29
CA GLY C 60 16.39 -4.17 -13.28
C GLY C 60 17.64 -4.97 -12.95
N ILE C 61 17.62 -5.65 -11.79
CA ILE C 61 18.70 -6.47 -11.25
C ILE C 61 19.08 -7.68 -12.12
N LYS C 62 18.20 -8.17 -13.02
CA LYS C 62 18.49 -9.27 -13.96
C LYS C 62 19.47 -8.82 -15.05
N GLN C 63 19.40 -7.55 -15.49
CA GLN C 63 20.31 -6.99 -16.48
C GLN C 63 21.65 -6.63 -15.82
N LEU C 64 21.63 -6.15 -14.57
CA LEU C 64 22.82 -5.79 -13.81
C LEU C 64 23.69 -7.02 -13.49
N GLN C 65 23.10 -8.15 -13.06
CA GLN C 65 23.86 -9.37 -12.76
C GLN C 65 24.48 -9.97 -14.04
N ALA C 66 23.72 -10.00 -15.15
CA ALA C 66 24.11 -10.63 -16.41
C ALA C 66 25.39 -10.02 -17.02
N ARG C 67 25.52 -8.69 -16.95
CA ARG C 67 26.67 -7.96 -17.50
C ARG C 67 27.85 -7.90 -16.52
N ILE C 68 27.66 -8.21 -15.22
CA ILE C 68 28.75 -8.41 -14.25
C ILE C 68 29.28 -9.85 -14.39
N LEU C 69 28.40 -10.86 -14.51
CA LEU C 69 28.75 -12.28 -14.71
C LEU C 69 29.47 -12.57 -16.04
N ALA C 70 29.46 -11.61 -16.98
CA ALA C 70 30.21 -11.63 -18.22
C ALA C 70 31.66 -11.12 -18.05
N VAL C 71 32.01 -10.55 -16.89
CA VAL C 71 33.29 -9.88 -16.60
C VAL C 71 33.97 -10.53 -15.37
N GLU C 72 33.23 -10.80 -14.29
CA GLU C 72 33.71 -11.43 -13.06
C GLU C 72 34.22 -12.88 -13.30
#